data_6BMC
#
_entry.id   6BMC
#
_cell.length_a   53.757
_cell.length_b   169.722
_cell.length_c   170.550
_cell.angle_alpha   90.00
_cell.angle_beta   90.00
_cell.angle_gamma   90.00
#
_symmetry.space_group_name_H-M   'C 2 2 21'
#
loop_
_entity.id
_entity.type
_entity.pdbx_description
1 polymer 'Phospho-2-dehydro-3-deoxyheptonate aldolase'
2 non-polymer PHOSPHOENOLPYRUVATE
3 non-polymer 'COBALT (II) ION'
4 non-polymer 'CHLORIDE ION'
5 water water
#
_entity_poly.entity_id   1
_entity_poly.type   'polypeptide(L)'
_entity_poly.pdbx_seq_one_letter_code
;MDDLLQRVRRCEALQQPEWGDPSRLRDVQAYLRGSPALIRAGDILALRATLARVARGEALVVQCGDCAEDMDDHHAENVA
RKAAVLELLAGALRLAGRRPVIRVGRIAGQYAKPRSKPHEQVGEQTLPVYRGDMVNGREAHAEQRRADPQRILKGYAAAR
NIMRHLGWDAASGQEANASPVWTSHEMLLLDYELSMLREDEQRRVYLGSTHWPWIGERTRQVDGAHVALLAEVLNPVACK
VGPEIGRDQLLALCERLDPRREPGRLTLIARMGAQKVGERLPPLVEAVRAAGHPVIWLSDPMHGNTIVAPCGNKTRLVRS
IAEEVAAFRLAVSGSGGVAAGLHLETTPDDVTECVADSSGLHQVSRHYTSLCDPRLNPWQALSAVMAWSGAEAIPSATFP
LETVA
;
_entity_poly.pdbx_strand_id   A,B
#
loop_
_chem_comp.id
_chem_comp.type
_chem_comp.name
_chem_comp.formula
CL non-polymer 'CHLORIDE ION' 'Cl -1'
CO non-polymer 'COBALT (II) ION' 'Co 2'
PEP non-polymer PHOSPHOENOLPYRUVATE 'C3 H5 O6 P'
#
# COMPACT_ATOMS: atom_id res chain seq x y z
N MET A 1 2.14 -17.10 -33.49
CA MET A 1 2.38 -17.10 -34.95
C MET A 1 1.02 -17.12 -35.62
N ASP A 2 0.92 -17.82 -36.74
CA ASP A 2 -0.36 -18.28 -37.26
C ASP A 2 -0.47 -19.79 -37.17
N ASP A 3 0.68 -20.45 -37.27
CA ASP A 3 0.86 -21.85 -36.90
C ASP A 3 0.08 -22.21 -35.63
N LEU A 4 0.32 -21.43 -34.59
CA LEU A 4 -0.28 -21.69 -33.29
C LEU A 4 -1.81 -21.66 -33.37
N LEU A 5 -2.34 -20.65 -34.07
CA LEU A 5 -3.78 -20.56 -34.30
C LEU A 5 -4.32 -21.86 -34.91
N GLN A 6 -3.70 -22.28 -36.01
CA GLN A 6 -4.05 -23.54 -36.67
C GLN A 6 -4.12 -24.68 -35.64
N ARG A 7 -3.01 -24.88 -34.92
CA ARG A 7 -2.94 -25.94 -33.91
C ARG A 7 -4.09 -25.83 -32.91
N VAL A 8 -4.29 -24.62 -32.38
CA VAL A 8 -5.29 -24.39 -31.33
C VAL A 8 -6.71 -24.57 -31.87
N ARG A 9 -6.92 -24.21 -33.12
CA ARG A 9 -8.24 -24.32 -33.72
C ARG A 9 -8.59 -25.77 -34.10
N ARG A 10 -7.59 -26.66 -34.07
CA ARG A 10 -7.84 -28.08 -34.26
C ARG A 10 -7.87 -28.89 -32.95
N CYS A 11 -8.14 -28.21 -31.83
CA CYS A 11 -8.41 -28.88 -30.55
C CYS A 11 -9.85 -28.64 -30.10
N GLU A 12 -10.26 -29.30 -29.02
CA GLU A 12 -11.60 -29.11 -28.46
C GLU A 12 -11.67 -27.83 -27.63
N ALA A 13 -12.73 -27.06 -27.83
CA ALA A 13 -12.90 -25.77 -27.18
C ALA A 13 -14.17 -25.78 -26.35
N LEU A 14 -14.04 -25.57 -25.04
CA LEU A 14 -15.18 -25.58 -24.14
C LEU A 14 -15.59 -24.16 -23.76
N GLN A 15 -16.82 -24.03 -23.27
CA GLN A 15 -17.32 -22.77 -22.74
C GLN A 15 -17.23 -21.63 -23.75
N GLN A 16 -17.37 -21.95 -25.03
CA GLN A 16 -17.30 -20.95 -26.09
C GLN A 16 -18.70 -20.55 -26.52
N PRO A 17 -18.98 -19.24 -26.57
CA PRO A 17 -20.29 -18.72 -26.95
C PRO A 17 -20.70 -19.05 -28.37
N GLU A 18 -22.02 -19.15 -28.62
CA GLU A 18 -22.55 -19.22 -29.98
C GLU A 18 -22.81 -17.82 -30.53
N TRP A 19 -21.80 -17.25 -31.18
CA TRP A 19 -21.90 -15.91 -31.76
C TRP A 19 -22.93 -15.88 -32.89
N GLY A 20 -23.81 -14.88 -32.85
CA GLY A 20 -24.92 -14.79 -33.80
C GLY A 20 -24.49 -14.80 -35.25
N ASP A 21 -23.73 -13.78 -35.65
CA ASP A 21 -23.38 -13.58 -37.07
C ASP A 21 -21.92 -13.98 -37.37
N PRO A 22 -21.74 -15.03 -38.20
CA PRO A 22 -20.38 -15.46 -38.55
C PRO A 22 -19.55 -14.34 -39.21
N SER A 23 -20.20 -13.51 -40.02
CA SER A 23 -19.51 -12.42 -40.72
C SER A 23 -18.97 -11.39 -39.73
N ARG A 24 -19.81 -10.96 -38.79
CA ARG A 24 -19.41 -9.93 -37.84
C ARG A 24 -18.17 -10.37 -37.05
N LEU A 25 -18.14 -11.64 -36.66
CA LEU A 25 -17.00 -12.20 -35.96
C LEU A 25 -15.71 -12.06 -36.78
N ARG A 26 -15.79 -12.44 -38.06
CA ARG A 26 -14.64 -12.32 -38.96
C ARG A 26 -14.13 -10.88 -39.00
N ASP A 27 -15.06 -9.94 -39.11
CA ASP A 27 -14.73 -8.51 -39.09
C ASP A 27 -14.04 -8.13 -37.78
N VAL A 28 -14.66 -8.51 -36.66
CA VAL A 28 -14.12 -8.22 -35.33
C VAL A 28 -12.72 -8.77 -35.18
N GLN A 29 -12.55 -10.05 -35.49
CA GLN A 29 -11.26 -10.71 -35.34
C GLN A 29 -10.18 -10.03 -36.18
N ALA A 30 -10.54 -9.64 -37.40
CA ALA A 30 -9.65 -8.88 -38.28
C ALA A 30 -9.20 -7.58 -37.62
N TYR A 31 -10.17 -6.82 -37.13
CA TYR A 31 -9.88 -5.54 -36.47
C TYR A 31 -8.96 -5.74 -35.27
N LEU A 32 -9.27 -6.71 -34.42
CA LEU A 32 -8.43 -7.01 -33.26
C LEU A 32 -7.03 -7.40 -33.69
N ARG A 33 -6.94 -8.27 -34.70
CA ARG A 33 -5.65 -8.75 -35.18
C ARG A 33 -4.77 -7.58 -35.60
N GLY A 34 -5.39 -6.53 -36.13
CA GLY A 34 -4.67 -5.35 -36.62
C GLY A 34 -4.68 -4.17 -35.66
N SER A 35 -4.75 -4.46 -34.37
CA SER A 35 -4.75 -3.42 -33.35
C SER A 35 -3.57 -3.58 -32.41
N PRO A 36 -3.17 -2.50 -31.73
CA PRO A 36 -2.07 -2.61 -30.79
C PRO A 36 -2.41 -3.55 -29.66
N ALA A 37 -1.44 -4.38 -29.28
CA ALA A 37 -1.54 -5.19 -28.08
C ALA A 37 -1.62 -4.28 -26.86
N LEU A 38 -2.23 -4.78 -25.78
CA LEU A 38 -2.44 -3.99 -24.58
C LEU A 38 -1.17 -3.98 -23.72
N ILE A 39 -0.36 -5.02 -23.88
CA ILE A 39 0.87 -5.16 -23.09
C ILE A 39 2.06 -5.45 -23.99
N ARG A 40 3.26 -5.36 -23.44
CA ARG A 40 4.49 -5.45 -24.22
C ARG A 40 5.34 -6.63 -23.78
N ALA A 41 6.10 -7.18 -24.71
CA ALA A 41 6.85 -8.42 -24.48
C ALA A 41 7.99 -8.20 -23.50
N GLY A 42 8.58 -7.02 -23.52
CA GLY A 42 9.62 -6.65 -22.56
C GLY A 42 9.11 -6.59 -21.13
N ASP A 43 7.88 -6.10 -20.95
CA ASP A 43 7.23 -6.10 -19.66
C ASP A 43 6.93 -7.52 -19.19
N ILE A 44 6.46 -8.35 -20.12
CA ILE A 44 6.26 -9.78 -19.85
C ILE A 44 7.54 -10.40 -19.32
N LEU A 45 8.64 -10.11 -19.98
CA LEU A 45 9.91 -10.64 -19.55
C LEU A 45 10.18 -10.13 -18.16
N ALA A 46 10.05 -8.84 -17.99
CA ALA A 46 10.23 -8.25 -16.68
C ALA A 46 9.48 -9.05 -15.61
N LEU A 47 8.19 -9.25 -15.82
CA LEU A 47 7.35 -9.95 -14.85
C LEU A 47 7.85 -11.37 -14.64
N ARG A 48 8.16 -12.04 -15.75
CA ARG A 48 8.60 -13.43 -15.71
C ARG A 48 9.78 -13.63 -14.77
N ALA A 49 10.74 -12.70 -14.84
CA ALA A 49 11.91 -12.73 -13.96
C ALA A 49 11.52 -12.53 -12.50
N THR A 50 10.53 -11.67 -12.27
CA THR A 50 10.04 -11.44 -10.91
C THR A 50 9.42 -12.72 -10.35
N LEU A 51 8.72 -13.47 -11.19
CA LEU A 51 8.04 -14.68 -10.73
C LEU A 51 9.04 -15.80 -10.51
N ALA A 52 10.18 -15.73 -11.19
CA ALA A 52 11.30 -16.60 -10.87
C ALA A 52 11.74 -16.39 -9.43
N ARG A 53 11.82 -15.11 -9.02
CA ARG A 53 12.13 -14.78 -7.64
C ARG A 53 11.06 -15.36 -6.70
N VAL A 54 9.80 -15.24 -7.09
CA VAL A 54 8.68 -15.74 -6.30
C VAL A 54 8.74 -17.26 -6.15
N ALA A 55 9.26 -17.94 -7.16
CA ALA A 55 9.43 -19.39 -7.12
C ALA A 55 10.61 -19.80 -6.24
N ARG A 56 11.59 -18.91 -6.11
CA ARG A 56 12.72 -19.16 -5.20
C ARG A 56 12.32 -18.92 -3.75
N GLY A 57 11.15 -18.33 -3.53
CA GLY A 57 10.63 -18.10 -2.19
C GLY A 57 11.06 -16.77 -1.60
N GLU A 58 11.49 -15.84 -2.45
CA GLU A 58 12.00 -14.55 -1.99
C GLU A 58 11.00 -13.41 -2.29
N ALA A 59 9.77 -13.76 -2.62
CA ALA A 59 8.73 -12.76 -2.88
C ALA A 59 7.33 -13.40 -2.93
N LEU A 60 6.31 -12.56 -2.73
CA LEU A 60 4.93 -13.05 -2.66
C LEU A 60 4.01 -12.28 -3.62
N VAL A 61 2.78 -12.77 -3.74
CA VAL A 61 1.86 -12.32 -4.77
C VAL A 61 0.48 -12.07 -4.19
N VAL A 62 -0.11 -10.93 -4.55
CA VAL A 62 -1.52 -10.68 -4.31
C VAL A 62 -2.23 -10.44 -5.63
N GLN A 63 -3.09 -11.38 -6.02
CA GLN A 63 -3.98 -11.23 -7.16
C GLN A 63 -5.39 -10.95 -6.67
N CYS A 64 -5.99 -9.86 -7.14
CA CYS A 64 -7.34 -9.51 -6.69
C CYS A 64 -8.13 -8.60 -7.64
N GLY A 65 -9.44 -8.78 -7.63
CA GLY A 65 -10.36 -7.97 -8.44
C GLY A 65 -11.74 -8.61 -8.51
N ASP A 66 -12.55 -8.21 -9.49
CA ASP A 66 -13.92 -8.69 -9.60
C ASP A 66 -13.97 -10.12 -10.17
N CYS A 67 -14.99 -10.88 -9.77
CA CYS A 67 -15.38 -12.08 -10.51
C CYS A 67 -15.58 -11.77 -11.98
N ALA A 68 -16.46 -10.81 -12.24
CA ALA A 68 -16.86 -10.46 -13.60
C ALA A 68 -16.78 -8.95 -13.72
N GLU A 69 -15.80 -8.48 -14.48
CA GLU A 69 -15.53 -7.05 -14.56
C GLU A 69 -16.67 -6.34 -15.28
N ASP A 70 -16.98 -5.13 -14.82
CA ASP A 70 -17.96 -4.28 -15.49
C ASP A 70 -17.24 -3.39 -16.50
N MET A 71 -17.66 -3.42 -17.76
CA MET A 71 -16.94 -2.66 -18.78
C MET A 71 -17.58 -1.31 -19.11
N ASP A 72 -18.23 -0.73 -18.12
CA ASP A 72 -18.39 0.72 -18.04
C ASP A 72 -17.56 1.28 -16.87
N ASP A 73 -16.98 0.39 -16.07
CA ASP A 73 -16.09 0.78 -14.98
C ASP A 73 -14.63 0.81 -15.47
N HIS A 74 -14.35 1.70 -16.41
CA HIS A 74 -13.03 1.82 -17.01
C HIS A 74 -12.42 3.22 -16.81
N HIS A 75 -12.82 3.88 -15.71
CA HIS A 75 -12.52 5.29 -15.51
C HIS A 75 -11.47 5.48 -14.43
N ALA A 76 -10.74 6.59 -14.52
CA ALA A 76 -9.53 6.80 -13.72
C ALA A 76 -9.78 6.60 -12.24
N GLU A 77 -10.82 7.26 -11.73
CA GLU A 77 -11.13 7.21 -10.31
C GLU A 77 -11.30 5.77 -9.84
N ASN A 78 -12.09 5.00 -10.57
CA ASN A 78 -12.50 3.70 -10.08
C ASN A 78 -11.38 2.67 -10.16
N VAL A 79 -10.55 2.76 -11.20
CA VAL A 79 -9.33 1.95 -11.23
C VAL A 79 -8.33 2.39 -10.18
N ALA A 80 -8.27 3.68 -9.89
CA ALA A 80 -7.48 4.17 -8.77
C ALA A 80 -7.88 3.48 -7.46
N ARG A 81 -9.18 3.36 -7.24
CA ARG A 81 -9.70 2.72 -6.04
C ARG A 81 -9.32 1.24 -5.98
N LYS A 82 -9.39 0.57 -7.12
CA LYS A 82 -8.97 -0.82 -7.21
C LYS A 82 -7.47 -0.98 -6.92
N ALA A 83 -6.66 -0.05 -7.43
CA ALA A 83 -5.22 -0.07 -7.18
C ALA A 83 -4.90 0.21 -5.72
N ALA A 84 -5.72 1.04 -5.09
CA ALA A 84 -5.58 1.32 -3.66
C ALA A 84 -5.86 0.09 -2.82
N VAL A 85 -6.87 -0.68 -3.22
CA VAL A 85 -7.13 -1.96 -2.57
C VAL A 85 -5.88 -2.84 -2.64
N LEU A 86 -5.24 -2.84 -3.80
CA LEU A 86 -4.00 -3.61 -3.97
C LEU A 86 -2.87 -3.09 -3.08
N GLU A 87 -2.75 -1.77 -2.97
CA GLU A 87 -1.82 -1.16 -2.02
C GLU A 87 -2.05 -1.75 -0.63
N LEU A 88 -3.30 -1.71 -0.20
CA LEU A 88 -3.67 -2.11 1.16
C LEU A 88 -3.28 -3.56 1.44
N LEU A 89 -3.63 -4.46 0.53
CA LEU A 89 -3.37 -5.88 0.73
C LEU A 89 -1.89 -6.21 0.59
N ALA A 90 -1.22 -5.50 -0.33
CA ALA A 90 0.21 -5.68 -0.54
C ALA A 90 1.00 -5.33 0.71
N GLY A 91 0.70 -4.18 1.30
CA GLY A 91 1.32 -3.80 2.56
C GLY A 91 1.06 -4.80 3.66
N ALA A 92 -0.19 -5.25 3.76
CA ALA A 92 -0.59 -6.20 4.79
C ALA A 92 0.19 -7.51 4.62
N LEU A 93 0.21 -8.02 3.40
CA LEU A 93 0.90 -9.28 3.12
C LEU A 93 2.40 -9.17 3.40
N ARG A 94 2.99 -8.04 3.01
CA ARG A 94 4.39 -7.81 3.25
C ARG A 94 4.71 -7.92 4.75
N LEU A 95 3.83 -7.36 5.57
CA LEU A 95 4.02 -7.40 7.02
C LEU A 95 3.79 -8.80 7.59
N ALA A 96 2.78 -9.49 7.07
CA ALA A 96 2.44 -10.83 7.54
C ALA A 96 3.44 -11.87 7.06
N GLY A 97 3.87 -11.74 5.81
CA GLY A 97 4.71 -12.74 5.17
C GLY A 97 6.21 -12.46 5.22
N ARG A 98 6.57 -11.25 5.66
CA ARG A 98 7.97 -10.83 5.73
C ARG A 98 8.71 -11.10 4.41
N ARG A 99 8.09 -10.71 3.30
CA ARG A 99 8.77 -10.70 2.00
C ARG A 99 8.16 -9.66 1.07
N PRO A 100 8.89 -9.28 0.00
CA PRO A 100 8.37 -8.33 -0.99
C PRO A 100 7.13 -8.85 -1.69
N VAL A 101 6.20 -7.96 -2.02
CA VAL A 101 4.90 -8.36 -2.54
C VAL A 101 4.68 -7.79 -3.94
N ILE A 102 4.27 -8.66 -4.86
CA ILE A 102 3.96 -8.26 -6.23
C ILE A 102 2.45 -8.04 -6.36
N ARG A 103 2.06 -6.87 -6.88
CA ARG A 103 0.64 -6.54 -7.07
C ARG A 103 0.14 -6.98 -8.44
N VAL A 104 -0.87 -7.83 -8.46
CA VAL A 104 -1.48 -8.27 -9.72
C VAL A 104 -2.99 -8.07 -9.64
N GLY A 105 -3.58 -7.68 -10.78
CA GLY A 105 -5.00 -7.32 -10.82
C GLY A 105 -5.84 -8.30 -11.62
N ARG A 106 -7.07 -8.52 -11.17
CA ARG A 106 -8.10 -9.11 -12.00
C ARG A 106 -8.82 -8.00 -12.75
N ILE A 107 -8.17 -7.48 -13.78
CA ILE A 107 -8.65 -6.27 -14.45
C ILE A 107 -8.26 -6.25 -15.92
N ALA A 108 -8.93 -5.37 -16.67
CA ALA A 108 -8.63 -5.14 -18.07
C ALA A 108 -8.81 -6.41 -18.91
N GLY A 109 -9.94 -7.10 -18.69
CA GLY A 109 -10.25 -8.27 -19.51
C GLY A 109 -11.09 -9.34 -18.85
N GLN A 110 -11.34 -9.24 -17.54
CA GLN A 110 -12.26 -10.15 -16.89
C GLN A 110 -13.67 -9.87 -17.37
N TYR A 111 -13.95 -10.18 -18.63
CA TYR A 111 -15.22 -9.83 -19.24
C TYR A 111 -15.93 -11.08 -19.76
N ALA A 112 -15.46 -12.24 -19.32
CA ALA A 112 -16.08 -13.49 -19.71
C ALA A 112 -16.07 -14.44 -18.53
N LYS A 113 -17.14 -15.22 -18.40
CA LYS A 113 -17.26 -16.19 -17.32
C LYS A 113 -17.68 -17.54 -17.87
N PRO A 114 -17.12 -18.63 -17.32
CA PRO A 114 -17.48 -19.96 -17.72
C PRO A 114 -18.69 -20.44 -16.94
N ARG A 115 -19.51 -21.26 -17.58
CA ARG A 115 -20.77 -21.65 -17.00
C ARG A 115 -20.91 -23.15 -16.87
N SER A 116 -21.30 -23.60 -15.68
CA SER A 116 -21.45 -25.03 -15.42
C SER A 116 -22.58 -25.62 -16.27
N LYS A 117 -23.67 -24.88 -16.39
CA LYS A 117 -24.75 -25.26 -17.29
C LYS A 117 -25.13 -24.06 -18.14
N PRO A 118 -25.29 -24.30 -19.47
CA PRO A 118 -25.47 -23.26 -20.49
C PRO A 118 -26.80 -22.52 -20.35
N HIS A 119 -27.78 -23.16 -19.74
CA HIS A 119 -29.12 -22.60 -19.64
C HIS A 119 -29.62 -22.56 -18.20
N GLU A 124 -37.08 -16.01 -15.21
CA GLU A 124 -36.32 -16.87 -16.11
C GLU A 124 -37.12 -18.13 -16.45
N GLN A 125 -36.84 -18.71 -17.62
CA GLN A 125 -37.52 -19.92 -18.06
C GLN A 125 -36.74 -20.61 -19.17
N THR A 126 -35.69 -21.33 -18.79
CA THR A 126 -34.87 -22.05 -19.76
C THR A 126 -34.13 -21.09 -20.68
N LEU A 127 -33.72 -19.95 -20.13
CA LEU A 127 -33.01 -18.94 -20.91
C LEU A 127 -31.50 -19.19 -20.95
N PRO A 128 -30.79 -18.41 -21.85
CA PRO A 128 -29.34 -18.66 -21.84
C PRO A 128 -28.67 -17.90 -20.69
N VAL A 129 -27.75 -18.56 -20.01
CA VAL A 129 -27.08 -18.00 -18.83
C VAL A 129 -26.19 -16.81 -19.22
N TYR A 130 -26.01 -15.90 -18.28
CA TYR A 130 -25.14 -14.73 -18.44
C TYR A 130 -23.66 -15.14 -18.51
N ARG A 131 -22.95 -14.60 -19.48
CA ARG A 131 -21.61 -15.07 -19.81
C ARG A 131 -20.54 -14.01 -19.58
N GLY A 132 -20.92 -12.81 -19.15
CA GLY A 132 -19.97 -11.70 -19.07
C GLY A 132 -20.28 -10.61 -20.07
N ASP A 133 -19.71 -9.42 -19.83
CA ASP A 133 -20.02 -8.25 -20.63
C ASP A 133 -19.46 -8.37 -22.05
N MET A 134 -18.39 -9.14 -22.22
CA MET A 134 -17.82 -9.36 -23.55
C MET A 134 -18.67 -10.28 -24.41
N VAL A 135 -19.67 -10.93 -23.81
CA VAL A 135 -20.50 -11.89 -24.52
C VAL A 135 -21.96 -11.46 -24.63
N ASN A 136 -22.63 -11.25 -23.50
CA ASN A 136 -24.07 -10.94 -23.53
C ASN A 136 -24.50 -9.97 -22.44
N GLY A 137 -25.73 -9.47 -22.58
CA GLY A 137 -26.29 -8.46 -21.69
C GLY A 137 -26.60 -8.99 -20.31
N ARG A 138 -26.59 -8.09 -19.33
CA ARG A 138 -26.74 -8.48 -17.92
C ARG A 138 -28.15 -8.94 -17.60
N GLU A 139 -29.13 -8.22 -18.14
CA GLU A 139 -30.55 -8.46 -17.82
C GLU A 139 -31.02 -9.77 -18.45
N ALA A 140 -31.83 -10.52 -17.71
CA ALA A 140 -32.33 -11.81 -18.20
C ALA A 140 -33.44 -11.61 -19.23
N HIS A 141 -33.21 -12.10 -20.45
CA HIS A 141 -34.10 -11.86 -21.56
C HIS A 141 -33.96 -12.96 -22.61
N ALA A 142 -34.47 -12.70 -23.82
CA ALA A 142 -34.16 -13.51 -24.99
C ALA A 142 -33.11 -12.80 -25.85
N GLU A 143 -33.38 -11.55 -26.19
CA GLU A 143 -32.58 -10.84 -27.17
C GLU A 143 -31.25 -10.39 -26.57
N GLN A 144 -31.29 -9.92 -25.32
CA GLN A 144 -30.09 -9.44 -24.64
C GLN A 144 -29.06 -10.56 -24.47
N ARG A 145 -29.54 -11.75 -24.09
CA ARG A 145 -28.65 -12.90 -23.91
C ARG A 145 -28.06 -13.39 -25.23
N ARG A 146 -28.66 -12.96 -26.35
CA ARG A 146 -28.10 -13.20 -27.67
C ARG A 146 -26.66 -12.68 -27.72
N ALA A 147 -25.75 -13.57 -28.14
CA ALA A 147 -24.33 -13.26 -28.10
C ALA A 147 -23.95 -12.28 -29.21
N ASP A 148 -23.30 -11.18 -28.82
CA ASP A 148 -22.95 -10.12 -29.75
C ASP A 148 -21.44 -9.89 -29.70
N PRO A 149 -20.73 -10.22 -30.79
CA PRO A 149 -19.27 -10.12 -30.77
C PRO A 149 -18.70 -8.70 -30.84
N GLN A 150 -19.51 -7.70 -31.17
CA GLN A 150 -19.12 -6.31 -31.00
C GLN A 150 -18.71 -6.00 -29.56
N ARG A 151 -19.33 -6.69 -28.61
CA ARG A 151 -18.99 -6.56 -27.20
C ARG A 151 -17.50 -6.79 -26.95
N ILE A 152 -16.91 -7.75 -27.67
CA ILE A 152 -15.47 -7.99 -27.60
C ILE A 152 -14.71 -6.71 -27.94
N LEU A 153 -15.15 -6.05 -29.00
CA LEU A 153 -14.53 -4.81 -29.46
C LEU A 153 -14.61 -3.75 -28.38
N LYS A 154 -15.79 -3.60 -27.79
CA LYS A 154 -15.99 -2.68 -26.67
C LYS A 154 -15.10 -3.04 -25.49
N GLY A 155 -14.95 -4.34 -25.22
CA GLY A 155 -14.11 -4.81 -24.14
C GLY A 155 -12.65 -4.45 -24.34
N TYR A 156 -12.16 -4.64 -25.57
CA TYR A 156 -10.81 -4.23 -25.93
C TYR A 156 -10.59 -2.75 -25.62
N ALA A 157 -11.54 -1.92 -26.05
CA ALA A 157 -11.42 -0.48 -25.89
C ALA A 157 -11.36 -0.07 -24.42
N ALA A 158 -12.23 -0.66 -23.61
CA ALA A 158 -12.25 -0.39 -22.17
C ALA A 158 -10.94 -0.85 -21.53
N ALA A 159 -10.44 -2.00 -21.96
CA ALA A 159 -9.21 -2.55 -21.42
C ALA A 159 -8.03 -1.63 -21.73
N ARG A 160 -7.99 -1.09 -22.95
CA ARG A 160 -6.96 -0.12 -23.31
C ARG A 160 -6.98 1.07 -22.37
N ASN A 161 -8.18 1.59 -22.07
CA ASN A 161 -8.33 2.70 -21.16
C ASN A 161 -7.79 2.37 -19.78
N ILE A 162 -8.17 1.20 -19.27
CA ILE A 162 -7.74 0.78 -17.95
C ILE A 162 -6.23 0.64 -17.89
N MET A 163 -5.63 0.12 -18.95
CA MET A 163 -4.17 0.00 -19.02
C MET A 163 -3.50 1.37 -18.94
N ARG A 164 -4.07 2.35 -19.63
CA ARG A 164 -3.55 3.71 -19.59
C ARG A 164 -3.60 4.26 -18.17
N HIS A 165 -4.75 4.12 -17.53
CA HIS A 165 -4.93 4.61 -16.17
C HIS A 165 -4.00 3.89 -15.19
N LEU A 166 -3.71 2.62 -15.46
CA LEU A 166 -2.84 1.83 -14.60
C LEU A 166 -1.36 2.20 -14.73
N GLY A 167 -0.99 2.75 -15.89
CA GLY A 167 0.35 3.30 -16.08
C GLY A 167 1.16 2.58 -17.14
N TRP A 168 0.51 1.74 -17.94
CA TRP A 168 1.18 1.05 -19.04
C TRP A 168 0.94 1.78 -20.36
N ASP A 169 0.94 3.11 -20.31
CA ASP A 169 0.78 3.93 -21.51
C ASP A 169 2.14 4.24 -22.11
N ALA A 170 3.08 4.65 -21.25
CA ALA A 170 4.48 4.79 -21.65
C ALA A 170 5.39 4.14 -20.61
N ALA A 171 6.64 3.90 -20.98
CA ALA A 171 7.64 3.35 -20.05
C ALA A 171 7.98 4.38 -18.98
N SER A 172 8.15 3.92 -17.75
CA SER A 172 8.49 4.80 -16.63
C SER A 172 9.97 5.17 -16.66
N ALA A 178 7.04 2.29 -12.05
CA ALA A 178 6.57 2.38 -10.67
C ALA A 178 6.72 1.02 -9.97
N SER A 179 6.02 0.88 -8.84
CA SER A 179 5.72 -0.45 -8.31
C SER A 179 4.43 -0.97 -8.96
N PRO A 180 4.58 -1.72 -10.06
CA PRO A 180 3.52 -1.87 -11.07
C PRO A 180 2.35 -2.73 -10.63
N VAL A 181 1.18 -2.43 -11.17
CA VAL A 181 0.02 -3.32 -11.09
C VAL A 181 -0.08 -4.17 -12.34
N TRP A 182 0.27 -5.46 -12.22
CA TRP A 182 0.23 -6.35 -13.35
C TRP A 182 -1.20 -6.77 -13.61
N THR A 183 -1.48 -7.18 -14.84
CA THR A 183 -2.83 -7.46 -15.25
C THR A 183 -3.02 -8.95 -15.53
N SER A 184 -4.16 -9.48 -15.12
CA SER A 184 -4.49 -10.87 -15.32
C SER A 184 -5.99 -10.99 -15.49
N HIS A 185 -6.40 -11.97 -16.29
CA HIS A 185 -7.78 -12.40 -16.34
C HIS A 185 -7.83 -13.83 -16.86
N GLU A 186 -8.96 -14.50 -16.69
CA GLU A 186 -9.08 -15.88 -17.13
C GLU A 186 -9.16 -16.03 -18.64
N MET A 187 -8.14 -16.62 -19.21
CA MET A 187 -8.18 -16.81 -20.63
C MET A 187 -9.11 -17.94 -21.06
N LEU A 188 -10.40 -17.76 -20.92
CA LEU A 188 -11.40 -18.71 -21.38
C LEU A 188 -11.80 -18.59 -22.86
N LEU A 189 -11.97 -17.33 -23.31
CA LEU A 189 -12.37 -17.03 -24.69
C LEU A 189 -11.27 -17.32 -25.70
N LEU A 190 -11.63 -17.59 -26.96
CA LEU A 190 -10.59 -17.88 -27.93
C LEU A 190 -10.65 -16.90 -29.10
N ASP A 191 -11.85 -16.56 -29.55
CA ASP A 191 -12.01 -15.66 -30.68
C ASP A 191 -11.31 -14.32 -30.41
N TYR A 192 -11.54 -13.77 -29.23
CA TYR A 192 -10.80 -12.59 -28.77
C TYR A 192 -9.31 -12.90 -28.59
N GLU A 193 -9.01 -13.92 -27.81
CA GLU A 193 -7.65 -14.18 -27.35
C GLU A 193 -6.74 -14.63 -28.48
N LEU A 194 -7.26 -15.48 -29.37
CA LEU A 194 -6.50 -15.92 -30.53
C LEU A 194 -6.15 -14.72 -31.41
N SER A 195 -7.07 -13.75 -31.48
CA SER A 195 -6.81 -12.53 -32.24
C SER A 195 -5.76 -11.65 -31.59
N MET A 196 -5.49 -11.87 -30.32
CA MET A 196 -4.54 -11.03 -29.57
C MET A 196 -3.12 -11.60 -29.53
N LEU A 197 -2.89 -12.74 -30.19
CA LEU A 197 -1.55 -13.30 -30.27
C LEU A 197 -0.61 -12.39 -31.05
N ARG A 198 0.65 -12.32 -30.63
CA ARG A 198 1.64 -11.48 -31.28
C ARG A 198 3.00 -12.16 -31.25
N GLU A 199 3.93 -11.66 -32.06
CA GLU A 199 5.32 -12.12 -32.04
C GLU A 199 6.26 -11.00 -31.61
N ASP A 200 7.35 -11.38 -30.95
CA ASP A 200 8.38 -10.42 -30.53
C ASP A 200 9.52 -10.37 -31.54
N GLU A 201 10.62 -9.71 -31.16
CA GLU A 201 11.74 -9.51 -32.06
C GLU A 201 12.40 -10.82 -32.50
N GLN A 202 12.21 -11.88 -31.73
CA GLN A 202 12.77 -13.20 -32.05
C GLN A 202 11.71 -14.16 -32.57
N ARG A 203 10.56 -13.62 -32.98
CA ARG A 203 9.40 -14.41 -33.43
C ARG A 203 8.84 -15.36 -32.37
N ARG A 204 9.18 -15.13 -31.10
CA ARG A 204 8.50 -15.83 -30.03
C ARG A 204 7.12 -15.24 -29.81
N VAL A 205 6.13 -16.11 -29.71
CA VAL A 205 4.74 -15.67 -29.65
C VAL A 205 4.36 -15.32 -28.22
N TYR A 206 3.44 -14.38 -28.06
CA TYR A 206 2.90 -14.05 -26.74
C TYR A 206 1.45 -13.60 -26.81
N LEU A 207 0.73 -13.83 -25.71
CA LEU A 207 -0.63 -13.33 -25.58
C LEU A 207 -0.59 -11.85 -25.24
N GLY A 208 -1.28 -11.04 -26.06
CA GLY A 208 -1.16 -9.59 -26.00
C GLY A 208 -2.31 -8.90 -25.30
N SER A 209 -3.19 -9.68 -24.68
CA SER A 209 -4.35 -9.13 -23.97
C SER A 209 -4.03 -8.86 -22.50
N THR A 210 -3.07 -9.59 -21.94
CA THR A 210 -2.85 -9.57 -20.51
C THR A 210 -1.45 -10.11 -20.17
N HIS A 211 -0.83 -9.54 -19.14
CA HIS A 211 0.48 -10.00 -18.69
C HIS A 211 0.43 -11.47 -18.28
N TRP A 212 -0.52 -11.79 -17.40
CA TRP A 212 -0.49 -13.05 -16.64
C TRP A 212 -1.86 -13.73 -16.66
N PRO A 213 -2.14 -14.51 -17.71
CA PRO A 213 -3.43 -15.18 -17.82
C PRO A 213 -3.48 -16.52 -17.12
N TRP A 214 -4.66 -16.90 -16.65
CA TRP A 214 -4.87 -18.24 -16.12
C TRP A 214 -5.95 -18.97 -16.91
N ILE A 215 -6.05 -20.26 -16.65
CA ILE A 215 -7.09 -21.10 -17.23
C ILE A 215 -8.00 -21.57 -16.11
N GLY A 216 -9.32 -21.51 -16.35
CA GLY A 216 -10.29 -21.88 -15.34
C GLY A 216 -10.37 -23.38 -15.15
N GLU A 217 -10.99 -23.79 -14.05
CA GLU A 217 -11.05 -25.19 -13.63
C GLU A 217 -11.76 -26.06 -14.66
N ARG A 218 -12.71 -25.47 -15.37
CA ARG A 218 -13.55 -26.22 -16.29
C ARG A 218 -13.11 -26.07 -17.75
N THR A 219 -11.89 -25.57 -17.97
CA THR A 219 -11.30 -25.51 -19.32
C THR A 219 -9.83 -25.93 -19.33
N ARG A 220 -9.42 -26.73 -18.35
CA ARG A 220 -8.02 -27.07 -18.18
C ARG A 220 -7.74 -28.49 -18.63
N GLN A 221 -8.49 -28.97 -19.62
CA GLN A 221 -8.24 -30.31 -20.16
C GLN A 221 -6.91 -30.33 -20.89
N VAL A 222 -6.08 -31.31 -20.55
CA VAL A 222 -4.71 -31.39 -21.04
C VAL A 222 -4.64 -31.32 -22.56
N ASP A 223 -5.54 -32.06 -23.23
CA ASP A 223 -5.55 -32.14 -24.68
C ASP A 223 -6.46 -31.06 -25.30
N GLY A 224 -6.78 -30.04 -24.50
CA GLY A 224 -7.77 -29.04 -24.90
C GLY A 224 -7.14 -27.84 -25.59
N ALA A 225 -7.98 -26.90 -26.01
CA ALA A 225 -7.54 -25.74 -26.77
C ALA A 225 -6.79 -24.75 -25.89
N HIS A 226 -7.40 -24.39 -24.76
CA HIS A 226 -6.88 -23.34 -23.90
C HIS A 226 -5.46 -23.67 -23.45
N VAL A 227 -5.25 -24.90 -23.00
CA VAL A 227 -3.93 -25.35 -22.57
C VAL A 227 -2.95 -25.23 -23.75
N ALA A 228 -3.37 -25.66 -24.92
CA ALA A 228 -2.51 -25.64 -26.11
C ALA A 228 -2.02 -24.21 -26.40
N LEU A 229 -2.95 -23.26 -26.35
CA LEU A 229 -2.62 -21.85 -26.56
C LEU A 229 -1.53 -21.40 -25.60
N LEU A 230 -1.79 -21.54 -24.30
CA LEU A 230 -0.86 -21.06 -23.29
C LEU A 230 0.40 -21.92 -23.24
N ALA A 231 0.30 -23.17 -23.68
CA ALA A 231 1.47 -24.04 -23.72
C ALA A 231 2.63 -23.38 -24.46
N GLU A 232 2.30 -22.67 -25.54
CA GLU A 232 3.31 -22.12 -26.43
C GLU A 232 3.25 -20.60 -26.43
N VAL A 233 3.36 -20.03 -25.23
CA VAL A 233 3.17 -18.59 -25.09
C VAL A 233 4.19 -18.03 -24.10
N LEU A 234 4.69 -16.81 -24.41
CA LEU A 234 5.80 -16.24 -23.65
C LEU A 234 5.36 -15.83 -22.25
N ASN A 235 4.11 -15.39 -22.14
CA ASN A 235 3.57 -14.95 -20.86
C ASN A 235 3.81 -16.01 -19.77
N PRO A 236 4.03 -15.55 -18.54
CA PRO A 236 3.83 -16.50 -17.46
C PRO A 236 2.38 -16.98 -17.44
N VAL A 237 2.18 -18.28 -17.22
CA VAL A 237 0.85 -18.86 -17.29
C VAL A 237 0.42 -19.40 -15.93
N ALA A 238 -0.88 -19.46 -15.72
CA ALA A 238 -1.43 -20.00 -14.48
C ALA A 238 -2.63 -20.89 -14.75
N CYS A 239 -2.95 -21.75 -13.79
CA CYS A 239 -4.06 -22.69 -13.94
C CYS A 239 -4.76 -22.94 -12.61
N LYS A 240 -6.08 -22.90 -12.63
CA LYS A 240 -6.88 -23.20 -11.45
C LYS A 240 -6.89 -24.71 -11.21
N VAL A 241 -6.86 -25.10 -9.93
CA VAL A 241 -6.79 -26.51 -9.57
C VAL A 241 -7.78 -26.79 -8.44
N GLY A 242 -8.68 -27.75 -8.66
CA GLY A 242 -9.80 -27.98 -7.77
C GLY A 242 -9.74 -29.36 -7.14
N PRO A 243 -10.61 -29.61 -6.14
CA PRO A 243 -10.46 -30.72 -5.21
C PRO A 243 -10.32 -32.07 -5.92
N GLU A 244 -11.20 -32.32 -6.87
CA GLU A 244 -11.29 -33.61 -7.54
C GLU A 244 -10.48 -33.60 -8.84
N ILE A 245 -9.20 -33.21 -8.74
CA ILE A 245 -8.23 -33.41 -9.82
C ILE A 245 -7.32 -34.59 -9.49
N GLY A 246 -6.94 -35.34 -10.51
CA GLY A 246 -6.09 -36.52 -10.32
C GLY A 246 -4.62 -36.15 -10.23
N ARG A 247 -3.87 -36.92 -9.43
CA ARG A 247 -2.42 -36.84 -9.45
C ARG A 247 -1.92 -36.90 -10.91
N ASP A 248 -2.22 -38.00 -11.58
CA ASP A 248 -1.75 -38.22 -12.94
C ASP A 248 -2.19 -37.10 -13.88
N GLN A 249 -3.44 -36.66 -13.75
CA GLN A 249 -3.95 -35.53 -14.54
C GLN A 249 -3.04 -34.32 -14.40
N LEU A 250 -2.78 -33.92 -13.16
CA LEU A 250 -2.05 -32.70 -12.87
C LEU A 250 -0.64 -32.77 -13.43
N LEU A 251 -0.02 -33.95 -13.32
CA LEU A 251 1.32 -34.17 -13.84
C LEU A 251 1.38 -33.90 -15.34
N ALA A 252 0.42 -34.45 -16.07
CA ALA A 252 0.34 -34.25 -17.52
C ALA A 252 0.16 -32.77 -17.84
N LEU A 253 -0.71 -32.11 -17.08
CA LEU A 253 -0.97 -30.68 -17.25
C LEU A 253 0.32 -29.88 -17.10
N CYS A 254 1.12 -30.25 -16.09
CA CYS A 254 2.38 -29.56 -15.80
C CYS A 254 3.41 -29.79 -16.90
N GLU A 255 3.43 -31.00 -17.46
CA GLU A 255 4.33 -31.33 -18.57
C GLU A 255 4.08 -30.46 -19.80
N ARG A 256 2.82 -30.11 -20.02
CA ARG A 256 2.43 -29.35 -21.19
C ARG A 256 2.67 -27.86 -20.98
N LEU A 257 2.48 -27.38 -19.76
CA LEU A 257 2.60 -25.95 -19.46
C LEU A 257 3.98 -25.55 -18.93
N ASP A 258 4.76 -26.53 -18.49
CA ASP A 258 6.10 -26.26 -17.98
C ASP A 258 7.08 -27.37 -18.36
N PRO A 259 7.25 -27.58 -19.67
CA PRO A 259 8.07 -28.69 -20.16
C PRO A 259 9.53 -28.57 -19.74
N ARG A 260 10.04 -27.35 -19.73
CA ARG A 260 11.42 -27.04 -19.42
C ARG A 260 11.70 -26.79 -17.97
N ARG A 261 10.70 -26.93 -17.13
CA ARG A 261 10.86 -26.76 -15.69
C ARG A 261 11.42 -25.38 -15.33
N GLU A 262 10.89 -24.34 -15.98
CA GLU A 262 11.36 -22.98 -15.76
C GLU A 262 10.73 -22.41 -14.51
N PRO A 263 11.55 -21.96 -13.54
CA PRO A 263 10.96 -21.32 -12.37
C PRO A 263 10.32 -19.99 -12.74
N GLY A 264 9.08 -19.78 -12.29
CA GLY A 264 8.35 -18.56 -12.60
C GLY A 264 7.32 -18.73 -13.71
N ARG A 265 7.51 -19.75 -14.55
CA ARG A 265 6.61 -20.00 -15.68
C ARG A 265 5.23 -20.39 -15.19
N LEU A 266 5.14 -21.56 -14.54
CA LEU A 266 3.85 -22.13 -14.15
C LEU A 266 3.39 -21.70 -12.77
N THR A 267 2.10 -21.40 -12.67
CA THR A 267 1.49 -21.05 -11.41
C THR A 267 0.19 -21.84 -11.26
N LEU A 268 0.06 -22.54 -10.13
CA LEU A 268 -1.13 -23.33 -9.86
C LEU A 268 -1.92 -22.75 -8.70
N ILE A 269 -3.17 -22.40 -8.95
CA ILE A 269 -4.00 -21.71 -7.97
C ILE A 269 -5.00 -22.69 -7.35
N ALA A 270 -4.71 -23.12 -6.13
CA ALA A 270 -5.51 -24.14 -5.44
C ALA A 270 -6.82 -23.54 -4.92
N ARG A 271 -7.93 -24.04 -5.44
CA ARG A 271 -9.25 -23.67 -4.94
C ARG A 271 -10.05 -24.94 -4.66
N MET A 272 -9.93 -25.47 -3.45
CA MET A 272 -10.59 -26.75 -3.12
C MET A 272 -11.38 -26.77 -1.82
N GLY A 273 -11.53 -25.63 -1.17
CA GLY A 273 -12.46 -25.52 -0.04
C GLY A 273 -11.77 -25.71 1.30
N ALA A 274 -12.38 -25.17 2.35
CA ALA A 274 -11.75 -25.12 3.67
C ALA A 274 -11.49 -26.52 4.23
N GLN A 275 -12.44 -27.43 4.04
CA GLN A 275 -12.33 -28.77 4.59
C GLN A 275 -11.43 -29.67 3.75
N LYS A 276 -11.65 -29.65 2.44
CA LYS A 276 -11.04 -30.64 1.54
C LYS A 276 -9.56 -30.34 1.31
N VAL A 277 -9.19 -29.06 1.34
CA VAL A 277 -7.84 -28.66 0.96
C VAL A 277 -6.77 -29.40 1.76
N GLY A 278 -6.99 -29.53 3.07
CA GLY A 278 -6.02 -30.14 3.96
C GLY A 278 -5.72 -31.60 3.63
N GLU A 279 -6.70 -32.28 3.05
CA GLU A 279 -6.55 -33.70 2.72
C GLU A 279 -6.16 -33.92 1.26
N ARG A 280 -6.52 -32.98 0.39
CA ARG A 280 -6.37 -33.18 -1.06
C ARG A 280 -5.08 -32.59 -1.62
N LEU A 281 -4.65 -31.47 -1.06
CA LEU A 281 -3.61 -30.65 -1.69
C LEU A 281 -2.21 -31.27 -1.55
N PRO A 282 -1.85 -31.77 -0.36
CA PRO A 282 -0.48 -32.23 -0.11
C PRO A 282 0.03 -33.34 -1.03
N PRO A 283 -0.82 -34.34 -1.37
CA PRO A 283 -0.37 -35.32 -2.35
C PRO A 283 -0.05 -34.69 -3.70
N LEU A 284 -0.92 -33.79 -4.15
CA LEU A 284 -0.70 -33.08 -5.42
C LEU A 284 0.62 -32.30 -5.38
N VAL A 285 0.83 -31.56 -4.30
CA VAL A 285 2.02 -30.70 -4.19
C VAL A 285 3.31 -31.52 -4.21
N GLU A 286 3.32 -32.65 -3.52
CA GLU A 286 4.51 -33.49 -3.42
C GLU A 286 4.86 -34.10 -4.77
N ALA A 287 3.84 -34.55 -5.50
CA ALA A 287 4.03 -35.14 -6.83
C ALA A 287 4.67 -34.14 -7.80
N VAL A 288 4.20 -32.89 -7.75
CA VAL A 288 4.72 -31.84 -8.61
C VAL A 288 6.16 -31.50 -8.22
N ARG A 289 6.41 -31.43 -6.91
CA ARG A 289 7.77 -31.30 -6.38
C ARG A 289 8.65 -32.42 -6.94
N ALA A 290 8.17 -33.65 -6.85
CA ALA A 290 8.91 -34.81 -7.35
C ALA A 290 9.14 -34.72 -8.86
N ALA A 291 8.17 -34.16 -9.58
CA ALA A 291 8.29 -34.00 -11.03
C ALA A 291 9.28 -32.91 -11.42
N GLY A 292 9.70 -32.11 -10.44
CA GLY A 292 10.78 -31.15 -10.65
C GLY A 292 10.30 -29.83 -11.22
N HIS A 293 8.99 -29.61 -11.20
CA HIS A 293 8.42 -28.34 -11.64
C HIS A 293 8.53 -27.27 -10.55
N PRO A 294 9.39 -26.25 -10.77
CA PRO A 294 9.46 -25.12 -9.83
C PRO A 294 8.22 -24.25 -9.91
N VAL A 295 7.13 -24.80 -9.40
CA VAL A 295 5.81 -24.19 -9.51
C VAL A 295 5.65 -23.22 -8.36
N ILE A 296 4.78 -22.24 -8.53
CA ILE A 296 4.35 -21.40 -7.43
C ILE A 296 2.85 -21.56 -7.17
N TRP A 297 2.50 -21.89 -5.92
CA TRP A 297 1.11 -22.07 -5.52
C TRP A 297 0.54 -20.80 -4.90
N LEU A 298 -0.60 -20.33 -5.42
CA LEU A 298 -1.41 -19.34 -4.73
C LEU A 298 -2.68 -20.00 -4.22
N SER A 299 -3.21 -19.51 -3.10
CA SER A 299 -4.52 -19.94 -2.63
C SER A 299 -5.62 -19.16 -3.32
N ASP A 300 -6.67 -19.88 -3.71
CA ASP A 300 -7.95 -19.27 -4.08
C ASP A 300 -9.01 -19.77 -3.11
N PRO A 301 -9.09 -19.15 -1.92
CA PRO A 301 -10.05 -19.56 -0.91
C PRO A 301 -11.48 -19.09 -1.20
N MET A 302 -11.68 -18.41 -2.32
CA MET A 302 -13.00 -17.93 -2.70
C MET A 302 -13.84 -19.07 -3.27
N HIS A 303 -13.39 -19.64 -4.37
CA HIS A 303 -14.26 -20.47 -5.22
C HIS A 303 -14.46 -21.88 -4.66
N GLY A 304 -13.61 -22.26 -3.71
CA GLY A 304 -13.80 -23.50 -2.98
C GLY A 304 -14.96 -23.47 -1.99
N ASN A 305 -15.38 -22.25 -1.61
CA ASN A 305 -16.20 -22.07 -0.42
C ASN A 305 -17.48 -21.28 -0.69
N THR A 306 -17.99 -21.38 -1.91
CA THR A 306 -19.23 -20.69 -2.26
C THR A 306 -20.42 -21.37 -1.58
N ILE A 307 -21.31 -20.55 -1.02
CA ILE A 307 -22.39 -21.06 -0.19
C ILE A 307 -23.67 -20.26 -0.49
N VAL A 308 -24.81 -20.95 -0.48
CA VAL A 308 -26.09 -20.29 -0.74
C VAL A 308 -26.71 -19.78 0.55
N ALA A 309 -27.09 -18.51 0.54
CA ALA A 309 -27.71 -17.88 1.71
C ALA A 309 -29.23 -18.06 1.64
N PRO A 310 -29.91 -17.96 2.80
CA PRO A 310 -31.36 -18.14 2.80
C PRO A 310 -32.07 -17.10 1.94
N CYS A 311 -31.69 -15.83 2.09
CA CYS A 311 -32.05 -14.79 1.13
C CYS A 311 -30.79 -14.15 0.54
N GLY A 312 -30.95 -13.59 -0.65
CA GLY A 312 -29.81 -13.12 -1.43
C GLY A 312 -29.26 -14.23 -2.30
N ASN A 313 -28.18 -13.92 -3.01
CA ASN A 313 -27.51 -14.88 -3.88
C ASN A 313 -26.61 -15.83 -3.08
N LYS A 314 -25.65 -16.43 -3.76
CA LYS A 314 -24.59 -17.16 -3.06
C LYS A 314 -23.65 -16.19 -2.35
N THR A 315 -23.10 -16.65 -1.24
CA THR A 315 -22.07 -15.90 -0.52
C THR A 315 -20.94 -16.80 -0.09
N ARG A 316 -20.02 -16.22 0.66
CA ARG A 316 -18.92 -16.96 1.27
C ARG A 316 -18.71 -16.47 2.69
N LEU A 317 -18.53 -17.40 3.62
CA LEU A 317 -18.22 -17.03 4.99
C LEU A 317 -16.75 -16.63 5.05
N VAL A 318 -16.48 -15.47 5.64
CA VAL A 318 -15.10 -14.98 5.74
C VAL A 318 -14.24 -15.94 6.58
N ARG A 319 -14.81 -16.44 7.67
CA ARG A 319 -14.10 -17.41 8.52
C ARG A 319 -13.63 -18.62 7.72
N SER A 320 -14.49 -19.12 6.84
CA SER A 320 -14.15 -20.24 5.98
C SER A 320 -12.96 -19.91 5.07
N ILE A 321 -12.99 -18.72 4.48
CA ILE A 321 -11.93 -18.27 3.57
C ILE A 321 -10.59 -18.25 4.30
N ALA A 322 -10.59 -17.67 5.49
CA ALA A 322 -9.39 -17.56 6.30
C ALA A 322 -8.88 -18.93 6.71
N GLU A 323 -9.79 -19.82 7.09
CA GLU A 323 -9.45 -21.20 7.41
C GLU A 323 -8.66 -21.80 6.24
N GLU A 324 -9.19 -21.67 5.03
CA GLU A 324 -8.56 -22.26 3.86
C GLU A 324 -7.17 -21.69 3.62
N VAL A 325 -7.03 -20.39 3.79
CA VAL A 325 -5.73 -19.73 3.60
C VAL A 325 -4.68 -20.35 4.52
N ALA A 326 -5.03 -20.48 5.80
CA ALA A 326 -4.14 -21.10 6.79
C ALA A 326 -3.82 -22.54 6.41
N ALA A 327 -4.86 -23.31 6.10
CA ALA A 327 -4.68 -24.71 5.72
C ALA A 327 -3.83 -24.83 4.46
N PHE A 328 -4.05 -23.93 3.51
CA PHE A 328 -3.32 -23.95 2.25
C PHE A 328 -1.82 -23.86 2.50
N ARG A 329 -1.42 -22.90 3.34
CA ARG A 329 0.00 -22.67 3.59
C ARG A 329 0.63 -23.86 4.29
N LEU A 330 -0.05 -24.38 5.31
CA LEU A 330 0.41 -25.58 6.01
C LEU A 330 0.66 -26.71 5.01
N ALA A 331 -0.34 -27.00 4.20
CA ALA A 331 -0.27 -28.10 3.23
C ALA A 331 0.92 -27.93 2.30
N VAL A 332 0.97 -26.78 1.63
CA VAL A 332 1.97 -26.54 0.59
C VAL A 332 3.37 -26.53 1.20
N SER A 333 3.54 -25.74 2.25
CA SER A 333 4.83 -25.62 2.92
C SER A 333 5.29 -26.97 3.48
N GLY A 334 4.37 -27.70 4.10
CA GLY A 334 4.67 -29.02 4.63
C GLY A 334 5.22 -29.95 3.57
N SER A 335 4.57 -29.99 2.42
CA SER A 335 4.88 -30.98 1.39
C SER A 335 6.06 -30.57 0.51
N GLY A 336 6.54 -29.34 0.70
CA GLY A 336 7.83 -28.91 0.14
C GLY A 336 7.70 -27.95 -1.04
N GLY A 337 6.52 -27.35 -1.21
CA GLY A 337 6.29 -26.41 -2.30
C GLY A 337 6.31 -24.97 -1.81
N VAL A 338 6.43 -24.04 -2.76
CA VAL A 338 6.46 -22.61 -2.43
C VAL A 338 5.05 -22.06 -2.37
N ALA A 339 4.59 -21.74 -1.16
CA ALA A 339 3.31 -21.06 -0.97
C ALA A 339 3.52 -19.56 -1.09
N ALA A 340 2.99 -18.97 -2.15
CA ALA A 340 3.52 -17.71 -2.66
C ALA A 340 2.53 -16.54 -2.63
N GLY A 341 1.28 -16.80 -2.23
CA GLY A 341 0.33 -15.71 -2.02
C GLY A 341 -1.12 -16.07 -2.26
N LEU A 342 -1.91 -15.07 -2.64
CA LEU A 342 -3.36 -15.18 -2.57
C LEU A 342 -4.02 -14.72 -3.86
N HIS A 343 -5.12 -15.39 -4.19
CA HIS A 343 -5.96 -15.02 -5.31
C HIS A 343 -7.38 -14.78 -4.77
N LEU A 344 -7.82 -13.54 -4.83
CA LEU A 344 -9.08 -13.21 -4.27
C LEU A 344 -9.85 -12.34 -5.14
N GLU A 345 -11.15 -12.42 -4.99
CA GLU A 345 -12.02 -11.58 -5.75
C GLU A 345 -12.46 -10.58 -4.75
N THR A 346 -12.38 -9.32 -5.13
CA THR A 346 -12.73 -8.29 -4.21
C THR A 346 -13.26 -7.09 -4.88
N THR A 347 -13.53 -6.10 -4.08
CA THR A 347 -14.00 -4.82 -4.60
C THR A 347 -13.68 -3.70 -3.61
N PRO A 348 -13.46 -2.48 -4.11
CA PRO A 348 -13.29 -1.34 -3.20
C PRO A 348 -14.61 -0.91 -2.58
N ASP A 349 -15.72 -1.19 -3.26
CA ASP A 349 -17.05 -0.81 -2.77
C ASP A 349 -17.34 -1.46 -1.43
N ASP A 350 -18.03 -0.73 -0.55
CA ASP A 350 -18.39 -1.24 0.76
C ASP A 350 -19.63 -2.11 0.65
N VAL A 351 -19.42 -3.37 0.30
CA VAL A 351 -20.52 -4.30 0.04
C VAL A 351 -20.66 -5.30 1.17
N THR A 352 -21.78 -6.01 1.18
CA THR A 352 -22.04 -7.05 2.17
C THR A 352 -22.23 -8.40 1.47
N GLU A 353 -21.62 -8.54 0.30
CA GLU A 353 -21.75 -9.76 -0.50
C GLU A 353 -21.14 -10.96 0.22
N CYS A 354 -20.13 -10.69 1.05
CA CYS A 354 -19.58 -11.70 1.93
C CYS A 354 -19.80 -11.31 3.38
N VAL A 355 -19.96 -12.32 4.23
CA VAL A 355 -20.22 -12.07 5.65
C VAL A 355 -19.22 -12.83 6.52
N ALA A 356 -18.97 -12.28 7.71
CA ALA A 356 -17.91 -12.76 8.59
C ALA A 356 -18.02 -14.27 8.82
N ASP A 357 -19.23 -14.71 9.13
CA ASP A 357 -19.47 -16.10 9.51
C ASP A 357 -20.94 -16.49 9.32
N SER A 358 -21.28 -17.70 9.77
CA SER A 358 -22.61 -18.25 9.55
C SER A 358 -23.71 -17.42 10.21
N SER A 359 -23.42 -16.84 11.36
CA SER A 359 -24.40 -16.02 12.08
C SER A 359 -24.81 -14.83 11.23
N GLY A 360 -23.84 -14.22 10.54
CA GLY A 360 -24.14 -13.01 9.79
C GLY A 360 -25.00 -13.21 8.55
N LEU A 361 -25.29 -14.46 8.19
CA LEU A 361 -25.95 -14.77 6.93
C LEU A 361 -27.17 -13.92 6.62
N HIS A 362 -27.87 -13.48 7.64
CA HIS A 362 -29.04 -12.63 7.45
C HIS A 362 -28.81 -11.27 6.76
N GLN A 363 -27.65 -10.62 6.94
CA GLN A 363 -27.51 -9.28 6.38
C GLN A 363 -26.80 -9.26 5.02
N VAL A 364 -26.75 -10.41 4.35
CA VAL A 364 -26.16 -10.52 3.01
C VAL A 364 -26.76 -9.55 2.00
N SER A 365 -28.06 -9.35 2.10
CA SER A 365 -28.85 -8.85 0.96
C SER A 365 -28.44 -7.46 0.49
N ARG A 366 -28.34 -6.52 1.44
CA ARG A 366 -28.13 -5.11 1.12
C ARG A 366 -26.68 -4.84 0.71
N HIS A 367 -26.48 -3.88 -0.19
CA HIS A 367 -25.16 -3.61 -0.78
C HIS A 367 -24.57 -4.86 -1.42
N TYR A 368 -25.20 -5.32 -2.50
CA TYR A 368 -24.76 -6.50 -3.25
C TYR A 368 -24.74 -6.19 -4.74
N THR A 369 -23.56 -5.90 -5.28
CA THR A 369 -23.43 -5.28 -6.59
C THR A 369 -22.74 -6.17 -7.63
N SER A 370 -22.31 -7.35 -7.22
CA SER A 370 -21.49 -8.21 -8.10
C SER A 370 -22.28 -8.58 -9.35
N LEU A 371 -21.63 -8.52 -10.51
CA LEU A 371 -22.18 -9.08 -11.74
C LEU A 371 -22.24 -10.60 -11.63
N CYS A 372 -21.30 -11.19 -10.91
CA CYS A 372 -21.28 -12.62 -10.68
C CYS A 372 -21.03 -12.92 -9.20
N ASP A 373 -19.96 -13.68 -8.90
CA ASP A 373 -19.73 -14.21 -7.54
C ASP A 373 -19.66 -13.12 -6.49
N PRO A 374 -19.90 -13.49 -5.21
CA PRO A 374 -19.74 -12.55 -4.10
C PRO A 374 -18.29 -12.14 -3.93
N ARG A 375 -18.05 -10.86 -3.69
CA ARG A 375 -16.69 -10.35 -3.54
C ARG A 375 -16.43 -9.96 -2.10
N LEU A 376 -15.15 -9.77 -1.77
CA LEU A 376 -14.76 -9.25 -0.47
C LEU A 376 -14.64 -7.73 -0.51
N ASN A 377 -15.24 -7.07 0.46
CA ASN A 377 -14.90 -5.69 0.77
C ASN A 377 -13.43 -5.64 1.22
N PRO A 378 -12.76 -4.49 1.00
CA PRO A 378 -11.33 -4.40 1.30
C PRO A 378 -10.96 -4.91 2.70
N TRP A 379 -11.78 -4.56 3.69
CA TRP A 379 -11.48 -4.90 5.07
C TRP A 379 -11.67 -6.40 5.32
N GLN A 380 -12.69 -6.98 4.70
CA GLN A 380 -12.87 -8.43 4.72
C GLN A 380 -11.66 -9.12 4.08
N ALA A 381 -11.21 -8.57 2.95
CA ALA A 381 -10.05 -9.10 2.25
C ALA A 381 -8.80 -8.96 3.10
N LEU A 382 -8.72 -7.86 3.83
CA LEU A 382 -7.67 -7.64 4.80
C LEU A 382 -7.62 -8.81 5.79
N SER A 383 -8.77 -9.19 6.32
CA SER A 383 -8.85 -10.34 7.24
C SER A 383 -8.30 -11.60 6.57
N ALA A 384 -8.71 -11.82 5.32
CA ALA A 384 -8.26 -12.98 4.56
C ALA A 384 -6.74 -13.02 4.39
N VAL A 385 -6.13 -11.87 4.09
CA VAL A 385 -4.67 -11.82 3.91
C VAL A 385 -3.98 -12.04 5.25
N MET A 386 -4.62 -11.61 6.33
CA MET A 386 -4.04 -11.72 7.67
C MET A 386 -3.86 -13.17 8.07
N ALA A 387 -4.75 -14.04 7.63
CA ALA A 387 -4.69 -15.46 7.94
C ALA A 387 -3.36 -16.07 7.53
N TRP A 388 -2.70 -15.45 6.55
CA TRP A 388 -1.45 -15.97 6.02
C TRP A 388 -0.47 -16.45 7.09
N SER A 389 -0.45 -15.77 8.23
CA SER A 389 0.58 -16.09 9.25
C SER A 389 0.47 -17.53 9.77
N MET B 1 22.47 30.12 3.61
CA MET B 1 23.68 30.97 3.47
C MET B 1 24.47 30.86 4.76
N ASP B 2 25.15 31.94 5.14
CA ASP B 2 25.89 31.98 6.40
C ASP B 2 25.36 33.09 7.29
N ASP B 3 24.85 34.15 6.65
CA ASP B 3 24.15 35.19 7.40
C ASP B 3 22.95 34.62 8.15
N LEU B 4 22.25 33.65 7.54
CA LEU B 4 21.15 32.95 8.23
C LEU B 4 21.63 32.29 9.52
N LEU B 5 22.77 31.60 9.44
CA LEU B 5 23.38 30.99 10.63
C LEU B 5 23.58 32.03 11.73
N GLN B 6 24.23 33.14 11.38
CA GLN B 6 24.40 34.27 12.30
C GLN B 6 23.07 34.63 12.96
N ARG B 7 22.07 34.96 12.16
CA ARG B 7 20.75 35.33 12.66
C ARG B 7 20.26 34.27 13.64
N VAL B 8 20.29 33.01 13.19
CA VAL B 8 19.69 31.91 13.93
C VAL B 8 20.45 31.68 15.23
N ARG B 9 21.77 31.89 15.21
CA ARG B 9 22.57 31.74 16.43
C ARG B 9 22.39 32.94 17.38
N ARG B 10 21.83 34.03 16.86
CA ARG B 10 21.51 35.18 17.68
C ARG B 10 20.27 34.93 18.56
N CYS B 11 19.32 34.17 18.03
CA CYS B 11 18.03 33.98 18.69
C CYS B 11 18.14 33.03 19.88
N GLU B 12 17.04 32.87 20.60
CA GLU B 12 16.98 31.97 21.74
C GLU B 12 16.75 30.54 21.28
N ALA B 13 17.52 29.62 21.83
CA ALA B 13 17.50 28.21 21.40
C ALA B 13 17.10 27.33 22.56
N LEU B 14 15.99 26.61 22.41
CA LEU B 14 15.51 25.74 23.48
C LEU B 14 15.82 24.27 23.17
N GLN B 15 15.76 23.45 24.22
CA GLN B 15 15.93 22.00 24.08
C GLN B 15 17.23 21.63 23.39
N GLN B 16 18.26 22.43 23.59
CA GLN B 16 19.57 22.14 23.01
C GLN B 16 20.47 21.45 24.03
N PRO B 17 21.06 20.30 23.66
CA PRO B 17 21.90 19.52 24.58
C PRO B 17 23.15 20.26 25.02
N GLU B 18 23.63 19.93 26.22
CA GLU B 18 24.93 20.38 26.70
C GLU B 18 26.02 19.39 26.26
N TRP B 19 26.58 19.63 25.09
CA TRP B 19 27.61 18.76 24.53
C TRP B 19 28.86 18.84 25.40
N GLY B 20 29.38 17.68 25.79
CA GLY B 20 30.55 17.61 26.68
C GLY B 20 31.74 18.33 26.08
N ASP B 21 32.26 17.81 24.96
CA ASP B 21 33.45 18.42 24.35
C ASP B 21 33.17 19.51 23.31
N PRO B 22 33.62 20.77 23.64
CA PRO B 22 33.35 21.81 22.63
C PRO B 22 34.10 21.69 21.29
N SER B 23 35.39 21.33 21.34
CA SER B 23 36.20 21.23 20.13
C SER B 23 35.70 20.18 19.15
N ARG B 24 35.29 19.03 19.67
CA ARG B 24 34.75 17.94 18.85
C ARG B 24 33.54 18.42 18.06
N LEU B 25 32.71 19.25 18.67
CA LEU B 25 31.56 19.83 17.98
C LEU B 25 31.99 20.62 16.73
N ARG B 26 32.98 21.49 16.90
CA ARG B 26 33.50 22.28 15.77
C ARG B 26 33.95 21.36 14.64
N ASP B 27 34.66 20.29 15.00
CA ASP B 27 35.10 19.29 14.04
C ASP B 27 33.91 18.64 13.34
N VAL B 28 32.95 18.18 14.15
CA VAL B 28 31.74 17.53 13.63
C VAL B 28 31.00 18.44 12.66
N GLN B 29 30.75 19.67 13.09
CA GLN B 29 30.03 20.64 12.27
C GLN B 29 30.74 20.90 10.94
N ALA B 30 32.06 21.01 10.98
CA ALA B 30 32.89 21.15 9.79
C ALA B 30 32.68 19.97 8.83
N TYR B 31 32.78 18.76 9.36
CA TYR B 31 32.62 17.55 8.56
C TYR B 31 31.25 17.50 7.92
N LEU B 32 30.22 17.76 8.71
CA LEU B 32 28.86 17.81 8.20
C LEU B 32 28.72 18.87 7.11
N ARG B 33 29.25 20.05 7.35
CA ARG B 33 29.15 21.15 6.40
C ARG B 33 29.69 20.71 5.04
N GLY B 34 30.73 19.89 5.07
CA GLY B 34 31.40 19.47 3.84
C GLY B 34 30.97 18.11 3.31
N SER B 35 29.83 17.62 3.78
CA SER B 35 29.31 16.33 3.34
C SER B 35 28.12 16.53 2.40
N PRO B 36 27.82 15.52 1.56
CA PRO B 36 26.67 15.65 0.67
C PRO B 36 25.38 15.74 1.45
N ALA B 37 24.47 16.60 0.99
CA ALA B 37 23.11 16.65 1.53
C ALA B 37 22.39 15.34 1.24
N LEU B 38 21.43 15.00 2.09
CA LEU B 38 20.70 13.74 1.97
C LEU B 38 19.60 13.84 0.92
N ILE B 39 19.13 15.05 0.69
CA ILE B 39 18.04 15.28 -0.26
C ILE B 39 18.41 16.40 -1.21
N ARG B 40 17.67 16.53 -2.30
CA ARG B 40 18.01 17.52 -3.32
C ARG B 40 16.91 18.55 -3.54
N ALA B 41 17.31 19.72 -4.00
CA ALA B 41 16.42 20.88 -4.07
C ALA B 41 15.32 20.72 -5.11
N GLY B 42 15.62 20.01 -6.19
CA GLY B 42 14.63 19.71 -7.22
C GLY B 42 13.52 18.82 -6.69
N ASP B 43 13.87 17.86 -5.84
CA ASP B 43 12.89 17.00 -5.17
C ASP B 43 12.04 17.81 -4.19
N ILE B 44 12.69 18.70 -3.44
CA ILE B 44 11.96 19.62 -2.57
C ILE B 44 10.91 20.38 -3.36
N LEU B 45 11.32 20.93 -4.50
CA LEU B 45 10.39 21.68 -5.34
C LEU B 45 9.27 20.77 -5.82
N ALA B 46 9.63 19.55 -6.20
CA ALA B 46 8.63 18.54 -6.56
C ALA B 46 7.60 18.38 -5.45
N LEU B 47 8.06 18.10 -4.23
CA LEU B 47 7.16 17.88 -3.10
C LEU B 47 6.30 19.11 -2.84
N ARG B 48 6.94 20.28 -2.87
CA ARG B 48 6.26 21.54 -2.59
C ARG B 48 5.03 21.74 -3.48
N ALA B 49 5.17 21.40 -4.75
CA ALA B 49 4.07 21.49 -5.71
C ALA B 49 2.97 20.47 -5.38
N THR B 50 3.37 19.30 -4.88
CA THR B 50 2.41 18.29 -4.48
C THR B 50 1.58 18.77 -3.29
N LEU B 51 2.23 19.50 -2.38
CA LEU B 51 1.54 19.98 -1.19
C LEU B 51 0.64 21.16 -1.51
N ALA B 52 0.95 21.87 -2.59
CA ALA B 52 0.02 22.84 -3.16
C ALA B 52 -1.29 22.16 -3.55
N ARG B 53 -1.18 21.01 -4.20
CA ARG B 53 -2.35 20.19 -4.51
C ARG B 53 -3.09 19.81 -3.24
N VAL B 54 -2.36 19.39 -2.22
CA VAL B 54 -2.96 18.98 -0.94
C VAL B 54 -3.70 20.14 -0.26
N ALA B 55 -3.21 21.36 -0.47
CA ALA B 55 -3.85 22.56 0.07
C ALA B 55 -5.12 22.94 -0.70
N ARG B 56 -5.17 22.56 -1.98
CA ARG B 56 -6.39 22.76 -2.77
C ARG B 56 -7.45 21.70 -2.47
N GLY B 57 -7.07 20.69 -1.68
CA GLY B 57 -8.01 19.65 -1.29
C GLY B 57 -8.12 18.51 -2.28
N GLU B 58 -7.10 18.36 -3.13
CA GLU B 58 -7.10 17.33 -4.16
C GLU B 58 -6.18 16.16 -3.81
N ALA B 59 -5.69 16.11 -2.58
CA ALA B 59 -4.82 15.04 -2.14
C ALA B 59 -4.66 15.03 -0.62
N LEU B 60 -4.24 13.88 -0.08
CA LEU B 60 -4.12 13.69 1.35
C LEU B 60 -2.74 13.19 1.74
N VAL B 61 -2.48 13.14 3.05
CA VAL B 61 -1.14 12.91 3.57
C VAL B 61 -1.18 11.89 4.70
N VAL B 62 -0.28 10.92 4.66
CA VAL B 62 0.01 10.06 5.81
C VAL B 62 1.46 10.22 6.23
N GLN B 63 1.68 10.88 7.38
CA GLN B 63 3.00 10.90 8.05
C GLN B 63 3.03 9.85 9.14
N CYS B 64 4.01 8.95 9.11
CA CYS B 64 4.13 7.96 10.18
C CYS B 64 5.52 7.38 10.37
N GLY B 65 5.82 7.00 11.60
CA GLY B 65 7.10 6.38 11.96
C GLY B 65 7.30 6.38 13.46
N ASP B 66 8.54 6.19 13.89
CA ASP B 66 8.85 6.08 15.33
C ASP B 66 8.81 7.45 16.01
N CYS B 67 8.47 7.47 17.29
CA CYS B 67 8.76 8.62 18.14
C CYS B 67 10.24 8.98 18.08
N ALA B 68 11.07 7.98 18.38
CA ALA B 68 12.50 8.16 18.44
C ALA B 68 13.16 7.05 17.64
N GLU B 69 13.69 7.41 16.48
CA GLU B 69 14.24 6.44 15.53
C GLU B 69 15.45 5.77 16.16
N ASP B 70 15.58 4.46 15.91
CA ASP B 70 16.75 3.72 16.34
C ASP B 70 17.79 3.78 15.23
N MET B 71 19.00 4.19 15.61
CA MET B 71 20.05 4.49 14.66
C MET B 71 20.61 3.23 13.99
N ASP B 72 20.55 2.10 14.69
CA ASP B 72 21.06 0.83 14.16
C ASP B 72 20.00 0.11 13.33
N ASP B 73 18.81 0.67 13.27
CA ASP B 73 17.76 0.20 12.37
C ASP B 73 17.81 0.96 11.04
N HIS B 74 18.91 0.79 10.31
CA HIS B 74 19.11 1.51 9.05
C HIS B 74 19.32 0.53 7.89
N HIS B 75 18.74 -0.66 8.01
CA HIS B 75 19.02 -1.74 7.07
C HIS B 75 17.83 -2.01 6.15
N ALA B 76 18.14 -2.53 4.96
CA ALA B 76 17.18 -2.59 3.85
C ALA B 76 15.86 -3.23 4.27
N GLU B 77 15.95 -4.38 4.93
CA GLU B 77 14.78 -5.14 5.32
C GLU B 77 13.85 -4.29 6.18
N ASN B 78 14.42 -3.65 7.20
CA ASN B 78 13.62 -3.00 8.21
C ASN B 78 12.98 -1.71 7.69
N VAL B 79 13.69 -0.96 6.85
CA VAL B 79 13.08 0.20 6.18
C VAL B 79 12.04 -0.24 5.12
N ALA B 80 12.26 -1.40 4.52
CA ALA B 80 11.23 -1.99 3.65
C ALA B 80 9.93 -2.20 4.43
N ARG B 81 10.04 -2.75 5.63
CA ARG B 81 8.86 -3.00 6.47
C ARG B 81 8.15 -1.70 6.83
N LYS B 82 8.93 -0.66 7.15
CA LYS B 82 8.35 0.65 7.44
C LYS B 82 7.62 1.23 6.24
N ALA B 83 8.20 1.05 5.04
CA ALA B 83 7.58 1.52 3.80
C ALA B 83 6.29 0.74 3.51
N ALA B 84 6.29 -0.54 3.88
CA ALA B 84 5.10 -1.37 3.74
C ALA B 84 3.96 -0.90 4.64
N VAL B 85 4.31 -0.49 5.86
CA VAL B 85 3.33 0.13 6.75
C VAL B 85 2.71 1.34 6.07
N LEU B 86 3.55 2.15 5.42
CA LEU B 86 3.06 3.30 4.68
C LEU B 86 2.16 2.91 3.52
N GLU B 87 2.52 1.85 2.78
CA GLU B 87 1.64 1.29 1.76
C GLU B 87 0.26 1.02 2.34
N LEU B 88 0.25 0.30 3.46
CA LEU B 88 -0.99 -0.16 4.10
C LEU B 88 -1.90 1.02 4.44
N LEU B 89 -1.35 2.03 5.10
CA LEU B 89 -2.14 3.17 5.55
C LEU B 89 -2.53 4.06 4.37
N ALA B 90 -1.65 4.17 3.38
CA ALA B 90 -1.91 4.98 2.20
C ALA B 90 -3.11 4.44 1.44
N GLY B 91 -3.12 3.13 1.21
CA GLY B 91 -4.24 2.47 0.58
C GLY B 91 -5.53 2.66 1.36
N ALA B 92 -5.45 2.46 2.68
CA ALA B 92 -6.60 2.63 3.56
C ALA B 92 -7.15 4.03 3.47
N LEU B 93 -6.28 5.03 3.59
CA LEU B 93 -6.70 6.43 3.54
C LEU B 93 -7.31 6.77 2.19
N ARG B 94 -6.70 6.28 1.12
CA ARG B 94 -7.21 6.53 -0.22
C ARG B 94 -8.64 6.04 -0.34
N LEU B 95 -8.93 4.87 0.24
CA LEU B 95 -10.27 4.31 0.21
C LEU B 95 -11.24 5.10 1.08
N ALA B 96 -10.78 5.50 2.26
CA ALA B 96 -11.62 6.21 3.22
C ALA B 96 -11.86 7.66 2.79
N GLY B 97 -10.82 8.29 2.26
CA GLY B 97 -10.87 9.72 1.94
C GLY B 97 -11.20 10.01 0.48
N ARG B 98 -11.20 8.98 -0.35
CA ARG B 98 -11.44 9.14 -1.80
C ARG B 98 -10.62 10.27 -2.40
N ARG B 99 -9.32 10.26 -2.13
CA ARG B 99 -8.37 11.12 -2.83
C ARG B 99 -6.99 10.47 -2.85
N PRO B 100 -6.10 10.95 -3.74
CA PRO B 100 -4.73 10.46 -3.77
C PRO B 100 -3.97 10.73 -2.48
N VAL B 101 -3.11 9.80 -2.10
CA VAL B 101 -2.44 9.85 -0.80
C VAL B 101 -0.93 9.94 -0.94
N ILE B 102 -0.33 10.90 -0.23
CA ILE B 102 1.10 11.11 -0.27
C ILE B 102 1.72 10.44 0.95
N ARG B 103 2.69 9.57 0.70
CA ARG B 103 3.39 8.86 1.78
C ARG B 103 4.58 9.67 2.31
N VAL B 104 4.56 9.97 3.60
CA VAL B 104 5.67 10.67 4.23
C VAL B 104 6.10 9.90 5.46
N GLY B 105 7.41 9.89 5.71
CA GLY B 105 7.98 9.06 6.77
C GLY B 105 8.54 9.88 7.91
N ARG B 106 8.36 9.38 9.12
CA ARG B 106 9.15 9.83 10.26
C ARG B 106 10.44 9.01 10.33
N ILE B 107 11.41 9.37 9.50
CA ILE B 107 12.55 8.49 9.28
C ILE B 107 13.76 9.27 8.77
N ALA B 108 14.93 8.66 8.89
CA ALA B 108 16.18 9.25 8.41
C ALA B 108 16.47 10.59 9.10
N GLY B 109 16.34 10.62 10.42
CA GLY B 109 16.72 11.81 11.18
C GLY B 109 15.96 12.03 12.47
N GLN B 110 14.93 11.23 12.71
CA GLN B 110 14.23 11.31 13.99
C GLN B 110 15.12 10.72 15.08
N TYR B 111 16.19 11.45 15.40
CA TYR B 111 17.19 10.94 16.31
C TYR B 111 17.35 11.90 17.50
N ALA B 112 16.40 12.82 17.65
CA ALA B 112 16.41 13.74 18.77
C ALA B 112 14.98 13.93 19.27
N LYS B 113 14.83 14.03 20.60
CA LYS B 113 13.53 14.29 21.20
C LYS B 113 13.65 15.43 22.21
N PRO B 114 12.63 16.30 22.27
CA PRO B 114 12.59 17.38 23.24
C PRO B 114 12.01 16.87 24.56
N ARG B 115 12.52 17.38 25.66
CA ARG B 115 12.12 16.92 26.99
C ARG B 115 11.79 18.08 27.91
N SER B 116 10.73 17.91 28.70
CA SER B 116 10.26 18.92 29.65
C SER B 116 11.13 18.94 30.91
N LYS B 117 11.55 17.76 31.35
CA LYS B 117 12.33 17.63 32.60
C LYS B 117 13.70 17.00 32.35
N PRO B 118 14.79 17.79 32.44
CA PRO B 118 16.15 17.37 32.08
C PRO B 118 16.65 16.09 32.76
N HIS B 119 16.09 15.77 33.92
CA HIS B 119 16.54 14.61 34.70
C HIS B 119 15.37 13.65 34.94
N GLU B 120 15.69 12.45 35.45
CA GLU B 120 14.67 11.45 35.77
C GLU B 120 15.04 10.66 37.02
N GLN B 121 14.10 9.86 37.52
CA GLN B 121 14.25 9.18 38.81
C GLN B 121 15.54 8.35 38.84
N GLU B 124 20.30 3.35 43.01
CA GLU B 124 19.60 4.63 42.86
C GLU B 124 20.50 5.66 42.20
N GLN B 125 19.96 6.39 41.24
CA GLN B 125 20.68 7.45 40.56
C GLN B 125 19.73 8.60 40.21
N THR B 126 20.26 9.62 39.55
CA THR B 126 19.43 10.66 38.95
C THR B 126 20.10 11.16 37.68
N LEU B 127 20.19 10.27 36.69
CA LEU B 127 20.85 10.58 35.44
C LEU B 127 20.01 11.53 34.59
N PRO B 128 20.65 12.28 33.68
CA PRO B 128 19.95 13.16 32.78
C PRO B 128 19.18 12.35 31.75
N VAL B 129 18.01 12.84 31.36
CA VAL B 129 17.10 12.06 30.53
C VAL B 129 17.70 11.84 29.14
N TYR B 130 17.42 10.66 28.58
CA TYR B 130 17.88 10.31 27.25
C TYR B 130 17.07 11.09 26.20
N ARG B 131 17.76 11.72 25.26
CA ARG B 131 17.16 12.73 24.37
C ARG B 131 17.26 12.33 22.90
N GLY B 132 17.50 11.05 22.65
CA GLY B 132 17.58 10.54 21.28
C GLY B 132 18.97 10.02 20.95
N ASP B 133 19.03 9.10 19.99
CA ASP B 133 20.28 8.43 19.67
C ASP B 133 21.34 9.37 19.08
N MET B 134 20.91 10.52 18.57
CA MET B 134 21.86 11.54 18.11
C MET B 134 22.48 12.32 19.26
N VAL B 135 21.96 12.15 20.49
CA VAL B 135 22.43 12.93 21.65
C VAL B 135 22.99 12.05 22.76
N ASN B 136 22.17 11.10 23.20
CA ASN B 136 22.39 10.37 24.45
C ASN B 136 22.31 8.87 24.25
N GLY B 137 22.95 8.12 25.15
CA GLY B 137 22.74 6.69 25.23
C GLY B 137 21.35 6.32 25.74
N ARG B 138 20.85 5.17 25.28
CA ARG B 138 19.59 4.63 25.76
C ARG B 138 19.71 4.18 27.21
N GLU B 139 20.91 3.74 27.59
CA GLU B 139 21.16 3.16 28.91
C GLU B 139 20.86 4.11 30.06
N ALA B 140 20.74 3.54 31.25
CA ALA B 140 20.20 4.26 32.42
C ALA B 140 21.30 4.71 33.40
N HIS B 141 22.55 4.62 32.96
CA HIS B 141 23.69 5.02 33.79
C HIS B 141 23.97 6.51 33.65
N ALA B 142 25.21 6.89 33.91
CA ALA B 142 25.61 8.30 33.82
C ALA B 142 26.55 8.52 32.65
N GLU B 143 27.29 7.49 32.27
CA GLU B 143 28.22 7.57 31.16
C GLU B 143 27.49 7.65 29.83
N GLN B 144 26.59 6.70 29.60
CA GLN B 144 25.83 6.65 28.36
C GLN B 144 25.03 7.95 28.15
N ARG B 145 24.45 8.46 29.24
CA ARG B 145 23.66 9.68 29.16
C ARG B 145 24.52 10.92 28.93
N ARG B 146 25.83 10.78 29.11
CA ARG B 146 26.78 11.82 28.71
C ARG B 146 26.58 12.18 27.23
N ALA B 147 26.36 13.46 26.94
CA ALA B 147 26.06 13.91 25.57
C ALA B 147 27.31 13.85 24.69
N ASP B 148 27.22 13.12 23.59
CA ASP B 148 28.37 12.88 22.71
C ASP B 148 28.05 13.28 21.26
N PRO B 149 28.73 14.31 20.74
CA PRO B 149 28.38 14.89 19.42
C PRO B 149 28.80 14.04 18.23
N GLN B 150 29.67 13.06 18.46
CA GLN B 150 29.96 12.03 17.46
C GLN B 150 28.67 11.34 17.01
N ARG B 151 27.72 11.19 17.94
CA ARG B 151 26.45 10.55 17.64
C ARG B 151 25.74 11.21 16.47
N ILE B 152 25.86 12.54 16.36
CA ILE B 152 25.33 13.26 15.20
C ILE B 152 25.93 12.70 13.92
N LEU B 153 27.24 12.50 13.93
CA LEU B 153 27.95 11.96 12.78
C LEU B 153 27.42 10.59 12.40
N LYS B 154 27.27 9.72 13.41
CA LYS B 154 26.67 8.40 13.21
C LYS B 154 25.26 8.48 12.67
N GLY B 155 24.50 9.46 13.17
CA GLY B 155 23.13 9.67 12.70
C GLY B 155 23.07 10.03 11.23
N TYR B 156 23.96 10.94 10.83
CA TYR B 156 24.07 11.32 9.42
C TYR B 156 24.30 10.09 8.55
N ALA B 157 25.23 9.24 8.98
CA ALA B 157 25.63 8.07 8.20
C ALA B 157 24.46 7.10 8.05
N ALA B 158 23.75 6.84 9.14
CA ALA B 158 22.58 5.97 9.11
C ALA B 158 21.49 6.55 8.21
N ALA B 159 21.31 7.85 8.28
CA ALA B 159 20.30 8.52 7.48
C ALA B 159 20.61 8.39 5.99
N ARG B 160 21.88 8.55 5.62
CA ARG B 160 22.29 8.34 4.24
C ARG B 160 21.92 6.94 3.75
N ASN B 161 22.19 5.93 4.59
CA ASN B 161 21.84 4.56 4.24
C ASN B 161 20.34 4.40 4.01
N ILE B 162 19.54 4.93 4.93
CA ILE B 162 18.09 4.82 4.82
C ILE B 162 17.57 5.50 3.55
N MET B 163 18.16 6.64 3.22
CA MET B 163 17.79 7.35 1.99
C MET B 163 18.07 6.50 0.75
N ARG B 164 19.21 5.81 0.76
CA ARG B 164 19.55 4.92 -0.35
C ARG B 164 18.52 3.82 -0.50
N HIS B 165 18.20 3.16 0.62
CA HIS B 165 17.24 2.06 0.63
C HIS B 165 15.85 2.55 0.22
N LEU B 166 15.52 3.80 0.56
CA LEU B 166 14.22 4.37 0.21
C LEU B 166 14.10 4.74 -1.26
N GLY B 167 15.23 4.98 -1.92
CA GLY B 167 15.25 5.19 -3.36
C GLY B 167 15.70 6.56 -3.81
N TRP B 168 16.25 7.34 -2.88
CA TRP B 168 16.76 8.67 -3.20
C TRP B 168 18.26 8.67 -3.46
N ASP B 169 18.82 7.50 -3.76
CA ASP B 169 20.26 7.42 -4.05
C ASP B 169 20.54 7.94 -5.46
N ALA B 170 19.74 7.50 -6.42
CA ALA B 170 19.82 8.00 -7.79
C ALA B 170 19.05 9.33 -7.92
N ALA B 178 8.21 7.32 -9.17
CA ALA B 178 7.85 6.20 -8.30
C ALA B 178 6.61 6.52 -7.47
N SER B 179 6.40 5.72 -6.43
CA SER B 179 5.40 6.02 -5.41
C SER B 179 6.13 6.46 -4.14
N PRO B 180 6.65 7.70 -4.17
CA PRO B 180 7.80 8.08 -3.35
C PRO B 180 7.48 8.19 -1.86
N VAL B 181 8.40 7.73 -1.01
CA VAL B 181 8.33 7.95 0.43
C VAL B 181 9.17 9.19 0.81
N TRP B 182 8.48 10.28 1.09
CA TRP B 182 9.14 11.51 1.49
C TRP B 182 9.61 11.39 2.93
N THR B 183 10.62 12.18 3.29
CA THR B 183 11.23 12.05 4.61
C THR B 183 10.96 13.30 5.44
N SER B 184 10.70 13.08 6.72
CA SER B 184 10.45 14.16 7.66
C SER B 184 10.97 13.76 9.03
N HIS B 185 11.40 14.75 9.80
CA HIS B 185 11.68 14.56 11.21
C HIS B 185 11.59 15.92 11.89
N GLU B 186 11.49 15.93 13.23
CA GLU B 186 11.44 17.18 13.95
C GLU B 186 12.79 17.88 13.85
N MET B 187 12.78 19.06 13.28
CA MET B 187 13.96 19.89 13.21
C MET B 187 14.28 20.42 14.61
N LEU B 188 15.34 19.89 15.22
CA LEU B 188 15.60 20.14 16.65
C LEU B 188 17.05 20.46 16.98
N LEU B 189 17.97 19.60 16.56
CA LEU B 189 19.39 19.81 16.86
C LEU B 189 19.99 20.84 15.91
N LEU B 190 20.11 22.07 16.38
CA LEU B 190 20.57 23.17 15.54
C LEU B 190 22.00 22.90 15.04
N ASP B 191 22.84 22.38 15.92
CA ASP B 191 24.23 22.10 15.56
C ASP B 191 24.30 21.21 14.32
N TYR B 192 23.51 20.13 14.34
CA TYR B 192 23.37 19.27 13.16
C TYR B 192 22.72 20.01 12.01
N GLU B 193 21.55 20.58 12.29
CA GLU B 193 20.68 21.11 11.23
C GLU B 193 21.28 22.35 10.57
N LEU B 194 21.87 23.23 11.38
CA LEU B 194 22.54 24.40 10.83
C LEU B 194 23.68 23.99 9.90
N SER B 195 24.34 22.89 10.24
CA SER B 195 25.42 22.38 9.41
C SER B 195 24.90 21.79 8.09
N MET B 196 23.62 21.46 8.04
CA MET B 196 23.03 20.83 6.85
C MET B 196 22.42 21.82 5.87
N LEU B 197 22.50 23.12 6.18
CA LEU B 197 22.00 24.13 5.26
C LEU B 197 22.80 24.12 3.96
N ARG B 198 22.11 24.34 2.85
CA ARG B 198 22.75 24.34 1.53
C ARG B 198 22.12 25.39 0.64
N GLU B 199 22.79 25.70 -0.46
CA GLU B 199 22.26 26.62 -1.47
C GLU B 199 22.06 25.90 -2.79
N ASP B 200 21.05 26.32 -3.54
CA ASP B 200 20.78 25.75 -4.85
C ASP B 200 21.40 26.61 -5.95
N GLU B 201 21.03 26.33 -7.20
CA GLU B 201 21.65 27.00 -8.34
C GLU B 201 21.39 28.51 -8.36
N GLN B 202 20.36 28.97 -7.66
CA GLN B 202 20.03 30.39 -7.57
C GLN B 202 20.42 30.98 -6.21
N ARG B 203 21.25 30.27 -5.46
CA ARG B 203 21.62 30.64 -4.08
C ARG B 203 20.45 30.72 -3.10
N ARG B 204 19.33 30.09 -3.42
CA ARG B 204 18.26 29.92 -2.44
C ARG B 204 18.62 28.80 -1.48
N VAL B 205 18.47 29.08 -0.20
CA VAL B 205 18.94 28.16 0.84
C VAL B 205 17.88 27.10 1.11
N TYR B 206 18.33 25.90 1.51
CA TYR B 206 17.41 24.85 1.91
C TYR B 206 18.01 23.96 2.97
N LEU B 207 17.15 23.35 3.78
CA LEU B 207 17.59 22.36 4.75
C LEU B 207 17.84 21.04 4.04
N GLY B 208 19.05 20.51 4.21
CA GLY B 208 19.52 19.36 3.41
C GLY B 208 19.44 18.03 4.14
N SER B 209 18.84 18.03 5.32
CA SER B 209 18.73 16.82 6.13
C SER B 209 17.45 16.06 5.83
N THR B 210 16.43 16.75 5.36
CA THR B 210 15.09 16.16 5.26
C THR B 210 14.21 16.98 4.31
N HIS B 211 13.32 16.31 3.60
CA HIS B 211 12.42 16.98 2.67
C HIS B 211 11.50 17.94 3.42
N TRP B 212 10.86 17.42 4.46
CA TRP B 212 9.72 18.08 5.08
C TRP B 212 9.85 18.10 6.61
N PRO B 213 10.54 19.10 7.15
CA PRO B 213 10.76 19.17 8.59
C PRO B 213 9.64 19.91 9.31
N TRP B 214 9.40 19.52 10.57
CA TRP B 214 8.49 20.27 11.42
C TRP B 214 9.22 20.76 12.65
N ILE B 215 8.58 21.65 13.39
CA ILE B 215 9.09 22.05 14.70
C ILE B 215 8.10 21.69 15.80
N GLY B 216 8.63 21.12 16.88
CA GLY B 216 7.81 20.63 17.99
C GLY B 216 7.10 21.75 18.73
N GLU B 217 6.11 21.39 19.54
CA GLU B 217 5.27 22.39 20.20
C GLU B 217 6.07 23.22 21.19
N ARG B 218 7.13 22.63 21.75
CA ARG B 218 7.91 23.31 22.80
C ARG B 218 9.14 24.04 22.25
N THR B 219 9.21 24.21 20.92
CA THR B 219 10.28 24.99 20.30
C THR B 219 9.74 25.92 19.19
N ARG B 220 8.45 26.24 19.26
CA ARG B 220 7.80 26.99 18.18
C ARG B 220 7.56 28.45 18.55
N GLN B 221 8.43 29.00 19.40
CA GLN B 221 8.31 30.39 19.79
C GLN B 221 8.61 31.28 18.59
N VAL B 222 7.72 32.22 18.33
CA VAL B 222 7.78 33.06 17.13
C VAL B 222 9.14 33.72 16.97
N ASP B 223 9.66 34.26 18.06
CA ASP B 223 10.93 34.98 18.05
C ASP B 223 12.10 34.02 18.33
N GLY B 224 11.86 32.72 18.17
CA GLY B 224 12.85 31.71 18.55
C GLY B 224 13.73 31.32 17.39
N ALA B 225 14.69 30.42 17.65
CA ALA B 225 15.71 30.05 16.68
C ALA B 225 15.14 29.14 15.59
N HIS B 226 14.42 28.11 16.01
CA HIS B 226 13.95 27.08 15.09
C HIS B 226 13.03 27.69 14.02
N VAL B 227 12.11 28.53 14.44
CA VAL B 227 11.24 29.24 13.51
C VAL B 227 12.07 30.06 12.53
N ALA B 228 13.04 30.79 13.05
CA ALA B 228 13.87 31.66 12.22
C ALA B 228 14.56 30.87 11.11
N LEU B 229 15.13 29.73 11.47
CA LEU B 229 15.76 28.85 10.49
C LEU B 229 14.79 28.47 9.37
N LEU B 230 13.66 27.88 9.73
CA LEU B 230 12.70 27.39 8.74
C LEU B 230 11.99 28.54 8.04
N ALA B 231 11.96 29.70 8.69
CA ALA B 231 11.35 30.88 8.08
C ALA B 231 11.97 31.16 6.70
N GLU B 232 13.28 30.97 6.60
CA GLU B 232 14.03 31.33 5.39
C GLU B 232 14.62 30.08 4.72
N VAL B 233 13.77 29.11 4.42
CA VAL B 233 14.22 27.81 3.91
C VAL B 233 13.27 27.32 2.81
N LEU B 234 13.85 26.72 1.77
CA LEU B 234 13.07 26.33 0.58
C LEU B 234 12.09 25.20 0.88
N ASN B 235 12.49 24.30 1.78
CA ASN B 235 11.65 23.16 2.13
C ASN B 235 10.22 23.59 2.50
N PRO B 236 9.23 22.75 2.17
CA PRO B 236 7.97 22.93 2.87
C PRO B 236 8.17 22.73 4.36
N VAL B 237 7.54 23.58 5.17
CA VAL B 237 7.75 23.56 6.61
C VAL B 237 6.45 23.20 7.32
N ALA B 238 6.59 22.63 8.51
CA ALA B 238 5.44 22.27 9.32
C ALA B 238 5.67 22.63 10.78
N CYS B 239 4.58 22.73 11.53
CA CYS B 239 4.66 23.10 12.93
C CYS B 239 3.57 22.41 13.76
N LYS B 240 3.97 21.87 14.91
CA LYS B 240 3.03 21.25 15.83
C LYS B 240 2.25 22.33 16.56
N VAL B 241 0.98 22.07 16.81
CA VAL B 241 0.10 23.04 17.45
C VAL B 241 -0.71 22.35 18.55
N GLY B 242 -0.54 22.84 19.78
CA GLY B 242 -1.11 22.20 20.96
C GLY B 242 -2.19 23.02 21.62
N PRO B 243 -2.90 22.41 22.59
CA PRO B 243 -4.17 22.94 23.08
C PRO B 243 -4.10 24.42 23.48
N GLU B 244 -3.07 24.79 24.25
CA GLU B 244 -3.03 26.10 24.91
C GLU B 244 -2.36 27.19 24.06
N ILE B 245 -2.35 27.02 22.75
CA ILE B 245 -1.79 28.07 21.89
C ILE B 245 -2.79 29.21 21.75
N GLY B 246 -2.27 30.43 21.70
CA GLY B 246 -3.12 31.61 21.54
C GLY B 246 -3.48 31.87 20.09
N ARG B 247 -4.68 32.41 19.87
CA ARG B 247 -5.05 32.93 18.55
C ARG B 247 -3.92 33.82 18.03
N ASP B 248 -3.66 34.90 18.76
CA ASP B 248 -2.68 35.90 18.35
C ASP B 248 -1.31 35.27 18.11
N GLN B 249 -0.90 34.38 19.01
CA GLN B 249 0.36 33.64 18.86
C GLN B 249 0.43 32.96 17.49
N LEU B 250 -0.59 32.17 17.19
CA LEU B 250 -0.60 31.36 15.98
C LEU B 250 -0.53 32.23 14.73
N LEU B 251 -1.25 33.36 14.76
CA LEU B 251 -1.25 34.29 13.64
C LEU B 251 0.16 34.79 13.35
N ALA B 252 0.87 35.21 14.39
CA ALA B 252 2.24 35.68 14.25
C ALA B 252 3.14 34.59 13.70
N LEU B 253 2.97 33.38 14.21
CA LEU B 253 3.71 32.21 13.73
C LEU B 253 3.51 32.00 12.23
N CYS B 254 2.27 32.13 11.78
CA CYS B 254 1.93 31.94 10.38
C CYS B 254 2.54 33.04 9.51
N GLU B 255 2.58 34.26 10.02
CA GLU B 255 3.18 35.39 9.29
C GLU B 255 4.67 35.18 9.02
N ARG B 256 5.35 34.52 9.95
CA ARG B 256 6.79 34.30 9.87
C ARG B 256 7.11 33.11 8.96
N LEU B 257 6.25 32.10 8.97
CA LEU B 257 6.51 30.87 8.23
C LEU B 257 5.80 30.83 6.88
N ASP B 258 4.84 31.72 6.67
CA ASP B 258 4.12 31.78 5.39
C ASP B 258 3.79 33.23 5.03
N PRO B 259 4.82 34.07 4.88
CA PRO B 259 4.62 35.49 4.65
C PRO B 259 3.89 35.79 3.35
N ARG B 260 4.15 35.00 2.31
CA ARG B 260 3.61 35.25 0.99
C ARG B 260 2.36 34.44 0.71
N ARG B 261 1.82 33.80 1.74
CA ARG B 261 0.57 33.06 1.62
C ARG B 261 0.62 32.01 0.51
N GLU B 262 1.70 31.25 0.46
CA GLU B 262 1.89 30.23 -0.57
C GLU B 262 1.17 28.94 -0.18
N PRO B 263 0.24 28.46 -1.03
CA PRO B 263 -0.37 27.17 -0.73
C PRO B 263 0.66 26.05 -0.81
N GLY B 264 0.69 25.20 0.20
CA GLY B 264 1.61 24.07 0.24
C GLY B 264 2.82 24.31 1.13
N ARG B 265 3.13 25.58 1.37
CA ARG B 265 4.29 25.94 2.20
C ARG B 265 4.09 25.50 3.64
N LEU B 266 3.13 26.12 4.31
CA LEU B 266 2.89 25.87 5.73
C LEU B 266 2.03 24.62 5.95
N THR B 267 2.36 23.88 7.00
CA THR B 267 1.52 22.78 7.48
C THR B 267 1.44 22.85 9.00
N LEU B 268 0.22 22.81 9.54
CA LEU B 268 0.00 22.86 10.99
C LEU B 268 -0.59 21.55 11.48
N ILE B 269 0.13 20.88 12.38
CA ILE B 269 -0.27 19.56 12.87
C ILE B 269 -0.90 19.64 14.26
N ALA B 270 -2.22 19.51 14.31
CA ALA B 270 -2.97 19.72 15.55
C ALA B 270 -2.86 18.50 16.47
N ARG B 271 -2.27 18.71 17.64
CA ARG B 271 -2.21 17.66 18.66
C ARG B 271 -2.73 18.22 19.99
N MET B 272 -4.01 18.03 20.25
CA MET B 272 -4.67 18.75 21.35
C MET B 272 -5.37 17.83 22.34
N GLY B 273 -5.63 16.59 21.92
CA GLY B 273 -6.31 15.62 22.77
C GLY B 273 -7.76 15.43 22.35
N ALA B 274 -8.31 14.28 22.71
CA ALA B 274 -9.63 13.86 22.23
C ALA B 274 -10.71 14.83 22.70
N GLN B 275 -10.62 15.27 23.94
CA GLN B 275 -11.66 16.12 24.53
C GLN B 275 -11.51 17.59 24.13
N LYS B 276 -10.29 18.11 24.21
CA LYS B 276 -10.06 19.53 24.04
C LYS B 276 -10.14 19.97 22.57
N VAL B 277 -9.78 19.08 21.65
CA VAL B 277 -9.68 19.46 20.25
C VAL B 277 -10.96 20.08 19.72
N GLY B 278 -12.10 19.49 20.05
CA GLY B 278 -13.39 19.92 19.54
C GLY B 278 -13.69 21.36 19.90
N GLU B 279 -13.23 21.79 21.08
CA GLU B 279 -13.54 23.14 21.54
C GLU B 279 -12.47 24.15 21.14
N ARG B 280 -11.22 23.69 21.04
CA ARG B 280 -10.07 24.59 20.95
C ARG B 280 -9.61 24.84 19.51
N LEU B 281 -9.80 23.85 18.64
CA LEU B 281 -9.26 23.91 17.28
C LEU B 281 -10.00 24.89 16.37
N PRO B 282 -11.34 24.86 16.38
CA PRO B 282 -12.12 25.65 15.42
C PRO B 282 -11.87 27.17 15.45
N PRO B 283 -11.70 27.77 16.64
CA PRO B 283 -11.35 29.19 16.62
C PRO B 283 -10.01 29.44 15.94
N LEU B 284 -9.02 28.60 16.21
CA LEU B 284 -7.71 28.71 15.58
C LEU B 284 -7.82 28.59 14.07
N VAL B 285 -8.56 27.59 13.62
CA VAL B 285 -8.68 27.31 12.18
C VAL B 285 -9.34 28.47 11.45
N GLU B 286 -10.37 29.05 12.06
CA GLU B 286 -11.11 30.14 11.43
C GLU B 286 -10.24 31.40 11.31
N ALA B 287 -9.48 31.69 12.36
CA ALA B 287 -8.59 32.85 12.35
C ALA B 287 -7.54 32.76 11.23
N VAL B 288 -6.98 31.56 11.03
CA VAL B 288 -5.99 31.34 9.99
C VAL B 288 -6.64 31.44 8.61
N ARG B 289 -7.84 30.88 8.48
CA ARG B 289 -8.66 31.06 7.28
C ARG B 289 -8.85 32.54 6.99
N ALA B 290 -9.23 33.28 8.02
CA ALA B 290 -9.47 34.72 7.89
C ALA B 290 -8.19 35.45 7.48
N ALA B 291 -7.06 34.97 8.00
CA ALA B 291 -5.76 35.58 7.69
C ALA B 291 -5.35 35.30 6.25
N GLY B 292 -6.03 34.36 5.59
CA GLY B 292 -5.79 34.09 4.19
C GLY B 292 -4.57 33.23 3.95
N HIS B 293 -4.23 32.39 4.93
CA HIS B 293 -3.13 31.42 4.80
C HIS B 293 -3.67 30.09 4.30
N PRO B 294 -3.34 29.73 3.05
CA PRO B 294 -3.68 28.42 2.51
C PRO B 294 -2.89 27.31 3.21
N VAL B 295 -3.27 27.05 4.45
CA VAL B 295 -2.58 26.10 5.30
C VAL B 295 -3.18 24.72 5.08
N ILE B 296 -2.40 23.69 5.40
CA ILE B 296 -2.95 22.33 5.46
C ILE B 296 -2.82 21.76 6.86
N TRP B 297 -3.95 21.29 7.41
CA TRP B 297 -3.98 20.72 8.76
C TRP B 297 -3.89 19.20 8.72
N LEU B 298 -2.97 18.64 9.48
CA LEU B 298 -2.97 17.20 9.76
C LEU B 298 -3.31 16.99 11.22
N SER B 299 -3.95 15.87 11.53
CA SER B 299 -4.15 15.49 12.92
C SER B 299 -2.94 14.76 13.46
N ASP B 300 -2.57 15.09 14.69
CA ASP B 300 -1.68 14.28 15.50
C ASP B 300 -2.42 13.82 16.75
N PRO B 301 -3.20 12.73 16.61
CA PRO B 301 -3.98 12.22 17.73
C PRO B 301 -3.15 11.43 18.73
N MET B 302 -1.84 11.32 18.51
CA MET B 302 -0.96 10.60 19.42
C MET B 302 -0.66 11.44 20.65
N HIS B 303 0.14 12.47 20.41
CA HIS B 303 0.71 13.31 21.44
C HIS B 303 -0.29 14.05 22.38
N GLY B 304 -1.53 14.27 21.93
CA GLY B 304 -2.59 14.84 22.76
C GLY B 304 -3.11 13.90 23.83
N ASN B 305 -2.87 12.60 23.66
CA ASN B 305 -3.63 11.57 24.38
C ASN B 305 -2.74 10.57 25.11
N THR B 306 -1.56 11.01 25.52
CA THR B 306 -0.64 10.13 26.24
C THR B 306 -1.14 9.87 27.66
N ILE B 307 -1.06 8.61 28.07
CA ILE B 307 -1.64 8.15 29.35
C ILE B 307 -0.65 7.23 30.04
N VAL B 308 -0.59 7.28 31.36
CA VAL B 308 0.31 6.38 32.09
C VAL B 308 -0.31 5.02 32.31
N ALA B 309 0.53 4.00 32.34
CA ALA B 309 0.07 2.65 32.54
C ALA B 309 0.56 2.15 33.86
N PRO B 310 -0.39 1.52 34.64
CA PRO B 310 0.12 1.07 35.95
C PRO B 310 1.22 0.08 35.71
N CYS B 311 0.97 -0.82 34.77
CA CYS B 311 1.96 -1.84 34.43
C CYS B 311 3.21 -1.31 33.72
N GLY B 312 3.03 -0.40 32.77
CA GLY B 312 4.13 0.11 31.99
C GLY B 312 4.25 1.60 31.78
N ASN B 313 5.14 1.96 30.86
CA ASN B 313 5.41 3.34 30.50
C ASN B 313 4.15 3.88 29.85
N LYS B 314 4.05 5.20 29.76
CA LYS B 314 2.83 5.80 29.22
C LYS B 314 2.45 5.27 27.85
N THR B 315 1.15 4.96 27.75
CA THR B 315 0.48 4.42 26.56
C THR B 315 -0.57 5.37 26.04
N ARG B 316 -1.29 4.92 25.01
CA ARG B 316 -2.42 5.66 24.46
C ARG B 316 -3.55 4.69 24.14
N LEU B 317 -4.77 5.07 24.49
CA LEU B 317 -5.93 4.26 24.13
C LEU B 317 -6.26 4.50 22.66
N VAL B 318 -6.42 3.41 21.90
CA VAL B 318 -6.70 3.52 20.46
C VAL B 318 -8.03 4.22 20.22
N ARG B 319 -9.04 3.90 21.03
CA ARG B 319 -10.35 4.56 20.95
C ARG B 319 -10.22 6.08 21.04
N SER B 320 -9.39 6.54 21.97
CA SER B 320 -9.16 7.97 22.15
C SER B 320 -8.56 8.59 20.88
N ILE B 321 -7.57 7.91 20.30
CA ILE B 321 -6.91 8.39 19.09
C ILE B 321 -7.91 8.55 17.96
N ALA B 322 -8.75 7.52 17.77
CA ALA B 322 -9.76 7.54 16.73
C ALA B 322 -10.78 8.65 16.96
N GLU B 323 -11.19 8.81 18.21
CA GLU B 323 -12.08 9.91 18.59
C GLU B 323 -11.51 11.23 18.09
N GLU B 324 -10.24 11.47 18.40
CA GLU B 324 -9.61 12.73 18.06
C GLU B 324 -9.57 12.94 16.55
N VAL B 325 -9.27 11.88 15.81
CA VAL B 325 -9.22 11.95 14.35
C VAL B 325 -10.58 12.43 13.78
N ALA B 326 -11.65 11.79 14.25
CA ALA B 326 -13.00 12.18 13.84
C ALA B 326 -13.30 13.62 14.22
N ALA B 327 -13.02 13.97 15.47
CA ALA B 327 -13.26 15.33 15.96
C ALA B 327 -12.44 16.35 15.18
N PHE B 328 -11.20 15.99 14.87
CA PHE B 328 -10.30 16.87 14.14
C PHE B 328 -10.92 17.27 12.81
N ARG B 329 -11.41 16.28 12.07
CA ARG B 329 -11.93 16.53 10.74
C ARG B 329 -13.17 17.40 10.80
N LEU B 330 -14.07 17.08 11.72
CA LEU B 330 -15.27 17.88 11.93
C LEU B 330 -14.89 19.35 12.17
N ALA B 331 -14.01 19.56 13.14
CA ALA B 331 -13.59 20.90 13.52
C ALA B 331 -13.02 21.67 12.32
N VAL B 332 -12.02 21.09 11.67
CA VAL B 332 -11.31 21.76 10.59
C VAL B 332 -12.22 22.03 9.41
N SER B 333 -12.92 20.99 8.97
CA SER B 333 -13.84 21.09 7.83
C SER B 333 -14.97 22.08 8.11
N GLY B 334 -15.52 22.01 9.32
CA GLY B 334 -16.55 22.93 9.75
C GLY B 334 -16.12 24.37 9.63
N SER B 335 -14.94 24.69 10.13
CA SER B 335 -14.49 26.07 10.26
C SER B 335 -13.89 26.61 8.95
N GLY B 336 -13.75 25.74 7.95
CA GLY B 336 -13.44 26.18 6.59
C GLY B 336 -12.00 25.91 6.14
N GLY B 337 -11.30 25.05 6.88
CA GLY B 337 -9.91 24.71 6.54
C GLY B 337 -9.80 23.36 5.89
N VAL B 338 -8.63 23.09 5.31
CA VAL B 338 -8.39 21.84 4.60
C VAL B 338 -7.85 20.80 5.58
N ALA B 339 -8.67 19.81 5.89
CA ALA B 339 -8.22 18.66 6.69
C ALA B 339 -7.62 17.60 5.77
N ALA B 340 -6.31 17.40 5.88
CA ALA B 340 -5.52 16.85 4.79
C ALA B 340 -4.85 15.52 5.10
N GLY B 341 -4.94 15.06 6.36
CA GLY B 341 -4.45 13.72 6.69
C GLY B 341 -3.97 13.56 8.12
N LEU B 342 -3.05 12.62 8.32
CA LEU B 342 -2.74 12.11 9.66
C LEU B 342 -1.25 12.08 9.93
N HIS B 343 -0.90 12.32 11.19
CA HIS B 343 0.47 12.23 11.66
C HIS B 343 0.48 11.24 12.83
N LEU B 344 1.17 10.12 12.65
CA LEU B 344 1.08 8.99 13.59
C LEU B 344 2.45 8.45 13.94
N GLU B 345 2.67 8.16 15.21
CA GLU B 345 3.84 7.38 15.61
C GLU B 345 3.46 5.91 15.51
N THR B 346 4.21 5.17 14.68
CA THR B 346 3.86 3.80 14.30
C THR B 346 5.09 2.90 14.26
N THR B 347 4.86 1.60 14.16
CA THR B 347 5.94 0.65 13.93
C THR B 347 5.40 -0.57 13.20
N PRO B 348 6.24 -1.22 12.38
CA PRO B 348 5.84 -2.49 11.77
C PRO B 348 5.82 -3.65 12.78
N ASP B 349 6.64 -3.54 13.83
CA ASP B 349 6.73 -4.57 14.85
C ASP B 349 5.37 -4.80 15.52
N ASP B 350 5.08 -6.06 15.84
CA ASP B 350 3.83 -6.42 16.49
C ASP B 350 3.93 -6.16 18.00
N VAL B 351 3.71 -4.92 18.39
CA VAL B 351 3.93 -4.49 19.76
C VAL B 351 2.59 -4.28 20.47
N THR B 352 2.66 -4.14 21.80
CA THR B 352 1.46 -3.87 22.61
C THR B 352 1.62 -2.54 23.35
N GLU B 353 2.42 -1.64 22.77
CA GLU B 353 2.68 -0.35 23.39
C GLU B 353 1.43 0.50 23.47
N CYS B 354 0.49 0.27 22.55
CA CYS B 354 -0.83 0.88 22.61
C CYS B 354 -1.91 -0.18 22.75
N VAL B 355 -3.01 0.20 23.40
CA VAL B 355 -4.12 -0.73 23.65
C VAL B 355 -5.41 -0.16 23.10
N ALA B 356 -6.30 -1.05 22.67
CA ALA B 356 -7.57 -0.66 22.04
C ALA B 356 -8.30 0.39 22.86
N ASP B 357 -8.40 0.14 24.17
CA ASP B 357 -9.17 0.99 25.07
C ASP B 357 -8.80 0.64 26.51
N SER B 358 -9.62 1.11 27.44
CA SER B 358 -9.37 0.92 28.88
C SER B 358 -9.31 -0.56 29.29
N SER B 359 -9.98 -1.42 28.54
CA SER B 359 -10.06 -2.84 28.89
C SER B 359 -8.67 -3.51 29.02
N GLY B 360 -7.74 -3.17 28.14
CA GLY B 360 -6.44 -3.81 28.18
C GLY B 360 -5.44 -3.29 29.18
N LEU B 361 -5.69 -3.65 30.44
CA LEU B 361 -4.87 -3.23 31.56
C LEU B 361 -3.41 -3.67 31.70
N HIS B 362 -3.18 -4.97 31.54
CA HIS B 362 -1.85 -5.54 31.71
C HIS B 362 -1.27 -6.13 30.47
N GLN B 363 -1.86 -5.84 29.33
CA GLN B 363 -1.31 -6.37 28.09
C GLN B 363 -0.04 -5.62 27.68
N VAL B 364 0.03 -4.34 28.06
CA VAL B 364 1.17 -3.49 27.72
C VAL B 364 2.51 -4.05 28.18
N SER B 365 2.48 -5.13 28.98
CA SER B 365 3.72 -5.72 29.49
C SER B 365 4.57 -6.30 28.37
N ARG B 366 3.99 -7.19 27.56
CA ARG B 366 4.72 -7.87 26.49
C ARG B 366 4.91 -6.96 25.29
N HIS B 367 6.06 -7.09 24.62
CA HIS B 367 6.29 -6.43 23.34
C HIS B 367 6.18 -4.91 23.45
N TYR B 368 7.12 -4.32 24.18
CA TYR B 368 7.23 -2.86 24.29
C TYR B 368 8.68 -2.43 24.04
N THR B 369 8.98 -2.02 22.82
CA THR B 369 10.38 -1.83 22.39
C THR B 369 10.73 -0.37 22.11
N SER B 370 9.75 0.52 22.17
CA SER B 370 9.97 1.90 21.72
C SER B 370 10.99 2.61 22.59
N LEU B 371 11.84 3.39 21.92
CA LEU B 371 12.85 4.17 22.62
C LEU B 371 12.16 5.22 23.48
N CYS B 372 11.10 5.82 22.94
CA CYS B 372 10.33 6.86 23.63
C CYS B 372 8.83 6.57 23.78
N ASP B 373 7.99 7.42 23.20
CA ASP B 373 6.54 7.31 23.26
C ASP B 373 5.96 6.06 22.60
N PRO B 374 4.88 5.54 23.18
CA PRO B 374 4.21 4.35 22.67
C PRO B 374 3.81 4.49 21.22
N ARG B 375 4.02 3.45 20.42
CA ARG B 375 3.69 3.50 19.00
C ARG B 375 2.49 2.61 18.69
N LEU B 376 1.90 2.82 17.52
CA LEU B 376 0.85 1.95 17.02
C LEU B 376 1.43 0.80 16.21
N ASN B 377 0.99 -0.42 16.50
CA ASN B 377 1.13 -1.52 15.56
C ASN B 377 0.33 -1.22 14.30
N PRO B 378 0.76 -1.77 13.15
CA PRO B 378 0.15 -1.40 11.87
C PRO B 378 -1.37 -1.50 11.89
N TRP B 379 -1.89 -2.55 12.52
CA TRP B 379 -3.33 -2.80 12.52
C TRP B 379 -4.06 -1.78 13.41
N GLN B 380 -3.47 -1.43 14.54
CA GLN B 380 -4.00 -0.36 15.37
C GLN B 380 -4.01 0.95 14.58
N ALA B 381 -2.92 1.21 13.86
CA ALA B 381 -2.83 2.40 13.03
C ALA B 381 -3.87 2.38 11.94
N LEU B 382 -4.11 1.20 11.39
CA LEU B 382 -5.20 0.99 10.44
C LEU B 382 -6.50 1.51 11.00
N SER B 383 -6.83 1.09 12.22
CA SER B 383 -8.03 1.56 12.90
C SER B 383 -8.06 3.09 12.96
N ALA B 384 -6.94 3.69 13.35
CA ALA B 384 -6.83 5.15 13.45
C ALA B 384 -7.11 5.85 12.11
N VAL B 385 -6.58 5.30 11.03
CA VAL B 385 -6.81 5.88 9.71
C VAL B 385 -8.27 5.73 9.31
N MET B 386 -8.89 4.65 9.75
CA MET B 386 -10.27 4.36 9.41
C MET B 386 -11.22 5.40 9.93
N ALA B 387 -10.91 5.93 11.10
CA ALA B 387 -11.74 6.94 11.75
C ALA B 387 -11.96 8.14 10.84
N TRP B 388 -11.04 8.36 9.91
CA TRP B 388 -11.15 9.48 8.98
C TRP B 388 -12.56 9.55 8.39
N SER B 389 -13.17 8.38 8.20
CA SER B 389 -14.53 8.29 7.71
C SER B 389 -15.52 8.76 8.79
C1 PEP C . -12.85 -17.48 -11.70
O1 PEP C . -11.67 -17.29 -11.36
O2' PEP C . -13.63 -16.53 -11.94
C2 PEP C . -13.35 -18.86 -11.76
C3 PEP C . -14.29 -19.17 -12.64
O2 PEP C . -12.77 -19.85 -10.87
P PEP C . -12.57 -21.39 -11.29
O1P PEP C . -12.36 -21.35 -12.78
O2P PEP C . -11.37 -21.84 -10.50
O3P PEP C . -13.86 -22.05 -10.87
CO CO D . -15.62 -15.67 -9.29
CO CO E . 6.28 11.00 20.09
C1 PEP F . 7.15 14.79 18.15
O1 PEP F . 8.23 14.40 17.65
O2' PEP F . 6.10 14.14 18.02
C2 PEP F . 7.13 16.02 18.94
C3 PEP F . 7.93 17.01 18.63
O2 PEP F . 6.19 16.13 20.04
P PEP F . 5.33 17.47 20.32
O1P PEP F . 6.32 18.42 20.93
O2P PEP F . 4.25 16.98 21.25
O3P PEP F . 4.80 17.89 18.97
CL CL G . 22.60 -1.58 5.10
#